data_1V9P
#
_entry.id   1V9P
#
_cell.length_a   89.210
_cell.length_b   117.330
_cell.length_c   97.480
_cell.angle_alpha   90.00
_cell.angle_beta   115.09
_cell.angle_gamma   90.00
#
_symmetry.space_group_name_H-M   'P 1 21 1'
#
loop_
_entity.id
_entity.type
_entity.pdbx_description
1 polymer 'DNA ligase'
2 non-polymer 'ZINC ION'
3 non-polymer 'ADENOSINE MONOPHOSPHATE'
4 water water
#
_entity_poly.entity_id   1
_entity_poly.type   'polypeptide(L)'
_entity_poly.pdbx_seq_one_letter_code
;MTREEARRRINELRDLIRYHNYRYYVLADPEISDAEYDRLLRELKELEERFPEFKSPDSPTEQVGARPLEPTFRPVRHPT
RMYSLDNAFTYEEVLAFEERLERALGRKRPFLYTVEHKVDGLSVNLYYEEGVLVFGATRGDGEVGEEVTQNLLTIPTIPR
RLKGVPDRLEVRGEVYMPIEAFLRLNEELEERGEKVFKNPRNAAAGSLRQKDPRVTAKRGLRATFYALGLGLEESGLKSQ
YELLLWLKEKGFPVEHGYEKALGAEGVEEVYRRFLAQRHALPFEADGVVVKLDDLALWRELGYTARAPRFALAYKFPAEE
KETRLLDVVFQVGRTGRVTPVGVLEPVFIEGSEVSRVTLHNESYIEELDIRIGDWVLVHKAGGVIPEVLRVLKERRTGEE
RPIRWPETCPECGHRLVKEGKVHRCPNPLCPAKRFEAIRHYASRKAMDIEGLGEKLIERLLEKGLVRDVADLYHLRKEDL
LGLERMGEKSAQNLLRQIEESKHRGLERLLYALGLPGVGEVLARNLARRFGTMDRLLEASLEELLEVEEVGELTARAILE
TLKDPAFRDLVRRLKEAGVSMESK
;
_entity_poly.pdbx_strand_id   A,B
#
loop_
_chem_comp.id
_chem_comp.type
_chem_comp.name
_chem_comp.formula
AMP non-polymer 'ADENOSINE MONOPHOSPHATE' 'C10 H14 N5 O7 P'
ZN non-polymer 'ZINC ION' 'Zn 2'
#
# COMPACT_ATOMS: atom_id res chain seq x y z
N MET A 1 1.09 13.06 14.84
CA MET A 1 2.19 12.93 13.86
C MET A 1 1.78 12.05 12.69
N THR A 2 2.23 12.43 11.49
CA THR A 2 1.92 11.68 10.27
C THR A 2 2.47 10.25 10.31
N ARG A 3 1.59 9.29 10.07
CA ARG A 3 1.92 7.86 10.09
C ARG A 3 3.32 7.58 9.54
N GLU A 4 3.74 8.37 8.55
CA GLU A 4 5.06 8.23 7.94
C GLU A 4 6.10 8.59 8.99
N GLU A 5 5.97 9.79 9.54
CA GLU A 5 6.87 10.29 10.57
C GLU A 5 7.06 9.32 11.73
N ALA A 6 5.94 8.80 12.25
CA ALA A 6 5.97 7.86 13.38
C ALA A 6 6.90 6.69 13.09
N ARG A 7 6.85 6.22 11.85
CA ARG A 7 7.69 5.12 11.43
C ARG A 7 9.15 5.54 11.65
N ARG A 8 9.53 6.66 11.04
CA ARG A 8 10.88 7.19 11.15
C ARG A 8 11.40 7.24 12.59
N ARG A 9 10.71 7.97 13.45
CA ARG A 9 11.13 8.07 14.83
C ARG A 9 11.24 6.66 15.40
N ILE A 10 10.28 5.82 15.05
CA ILE A 10 10.28 4.44 15.52
C ILE A 10 11.53 3.71 15.02
N ASN A 11 11.93 4.02 13.79
CA ASN A 11 13.12 3.42 13.20
C ASN A 11 14.32 3.95 13.98
N GLU A 12 14.38 5.27 14.08
CA GLU A 12 15.46 5.96 14.79
C GLU A 12 15.55 5.57 16.27
N LEU A 13 14.46 5.75 17.01
CA LEU A 13 14.45 5.40 18.43
C LEU A 13 15.04 4.01 18.68
N ARG A 14 14.49 2.98 18.04
CA ARG A 14 14.96 1.61 18.20
C ARG A 14 16.46 1.50 17.95
N ASP A 15 16.95 2.33 17.04
CA ASP A 15 18.37 2.34 16.70
C ASP A 15 19.18 2.91 17.86
N LEU A 16 18.97 4.19 18.14
CA LEU A 16 19.66 4.88 19.23
C LEU A 16 19.61 3.99 20.48
N ILE A 17 18.46 3.38 20.72
CA ILE A 17 18.35 2.51 21.88
C ILE A 17 19.20 1.25 21.74
N ARG A 18 19.30 0.70 20.53
CA ARG A 18 20.16 -0.47 20.35
C ARG A 18 21.61 0.00 20.46
N TYR A 19 21.88 1.14 19.85
CA TYR A 19 23.22 1.72 19.86
C TYR A 19 23.71 1.93 21.28
N HIS A 20 22.89 2.57 22.10
CA HIS A 20 23.30 2.84 23.47
C HIS A 20 23.25 1.65 24.40
N ASN A 21 22.35 0.70 24.17
CA ASN A 21 22.34 -0.47 25.04
C ASN A 21 23.71 -1.10 24.80
N TYR A 22 24.22 -0.91 23.57
CA TYR A 22 25.53 -1.42 23.13
C TYR A 22 26.63 -0.53 23.70
N ARG A 23 26.45 0.78 23.53
CA ARG A 23 27.37 1.78 24.03
C ARG A 23 27.50 1.57 25.54
N TYR A 24 26.57 0.83 26.12
CA TYR A 24 26.59 0.57 27.55
C TYR A 24 27.11 -0.83 27.84
N TYR A 25 26.17 -1.76 28.11
CA TYR A 25 26.47 -3.15 28.46
C TYR A 25 27.50 -3.87 27.58
N VAL A 26 27.96 -3.22 26.52
CA VAL A 26 28.94 -3.84 25.63
C VAL A 26 30.27 -3.08 25.65
N LEU A 27 30.24 -1.86 25.10
CA LEU A 27 31.42 -1.04 25.02
C LEU A 27 31.84 -0.51 26.38
N ALA A 28 30.84 -0.16 27.21
CA ALA A 28 31.06 0.37 28.55
C ALA A 28 31.42 1.84 28.52
N ASP A 29 31.16 2.49 27.38
CA ASP A 29 31.45 3.91 27.24
C ASP A 29 30.19 4.64 26.81
N PRO A 30 29.14 4.57 27.66
CA PRO A 30 27.88 5.24 27.34
C PRO A 30 28.10 6.74 27.23
N GLU A 31 27.23 7.41 26.48
CA GLU A 31 27.34 8.86 26.31
C GLU A 31 26.20 9.53 27.06
N ILE A 32 24.98 9.11 26.73
CA ILE A 32 23.77 9.65 27.36
C ILE A 32 23.65 9.10 28.78
N SER A 33 22.59 9.53 29.47
CA SER A 33 22.34 9.11 30.85
C SER A 33 21.73 7.71 30.91
N ASP A 34 21.81 7.07 32.08
CA ASP A 34 21.22 5.75 32.24
C ASP A 34 19.73 5.95 32.46
N ALA A 35 19.35 7.20 32.69
CA ALA A 35 17.95 7.57 32.92
C ALA A 35 17.38 8.28 31.70
N GLU A 36 18.13 9.22 31.15
CA GLU A 36 17.69 9.94 29.97
C GLU A 36 17.57 8.95 28.82
N TYR A 37 18.13 7.75 29.03
CA TYR A 37 18.10 6.65 28.08
C TYR A 37 16.72 6.01 28.08
N ASP A 38 16.13 5.87 29.27
CA ASP A 38 14.80 5.29 29.38
C ASP A 38 13.79 6.32 28.90
N ARG A 39 14.24 7.56 28.73
CA ARG A 39 13.38 8.63 28.25
C ARG A 39 13.14 8.48 26.75
N LEU A 40 13.77 7.47 26.17
CA LEU A 40 13.62 7.17 24.75
C LEU A 40 12.94 5.82 24.63
N LEU A 41 13.29 4.93 25.55
CA LEU A 41 12.72 3.59 25.57
C LEU A 41 11.24 3.66 25.88
N ARG A 42 10.81 4.76 26.49
CA ARG A 42 9.40 4.94 26.83
C ARG A 42 8.70 5.50 25.60
N GLU A 43 9.20 6.61 25.07
CA GLU A 43 8.62 7.22 23.88
C GLU A 43 8.47 6.21 22.74
N LEU A 44 9.35 5.21 22.72
CA LEU A 44 9.32 4.17 21.71
C LEU A 44 8.01 3.40 21.88
N LYS A 45 7.68 3.14 23.14
CA LYS A 45 6.47 2.41 23.52
C LYS A 45 5.23 3.29 23.34
N GLU A 46 5.40 4.61 23.38
CA GLU A 46 4.27 5.52 23.23
C GLU A 46 3.80 5.54 21.78
N LEU A 47 4.74 5.63 20.85
CA LEU A 47 4.39 5.64 19.44
C LEU A 47 3.99 4.25 18.97
N GLU A 48 4.59 3.23 19.56
CA GLU A 48 4.28 1.84 19.21
C GLU A 48 2.85 1.43 19.55
N GLU A 49 2.23 2.16 20.47
CA GLU A 49 0.86 1.87 20.87
C GLU A 49 -0.17 2.77 20.18
N ARG A 50 0.23 3.98 19.77
CA ARG A 50 -0.70 4.85 19.05
C ARG A 50 -0.60 4.61 17.55
N PHE A 51 0.26 3.65 17.17
CA PHE A 51 0.48 3.21 15.79
C PHE A 51 0.89 1.76 15.96
N PRO A 52 0.00 0.93 16.53
CA PRO A 52 0.19 -0.50 16.79
C PRO A 52 0.83 -1.24 15.64
N GLU A 53 0.49 -0.82 14.42
CA GLU A 53 0.99 -1.42 13.19
C GLU A 53 2.51 -1.62 13.21
N PHE A 54 3.23 -0.61 13.69
CA PHE A 54 4.69 -0.64 13.74
C PHE A 54 5.30 -1.53 14.80
N LYS A 55 4.48 -2.12 15.67
CA LYS A 55 5.04 -3.00 16.68
C LYS A 55 5.79 -4.10 15.93
N SER A 56 6.96 -4.46 16.42
CA SER A 56 7.78 -5.49 15.80
C SER A 56 8.48 -6.19 16.94
N PRO A 57 8.42 -7.53 16.99
CA PRO A 57 9.08 -8.25 18.08
C PRO A 57 10.59 -7.97 18.15
N ASP A 58 11.02 -7.00 17.34
CA ASP A 58 12.41 -6.58 17.26
C ASP A 58 12.63 -5.39 18.17
N SER A 59 11.65 -4.50 18.21
CA SER A 59 11.72 -3.31 19.04
C SER A 59 12.33 -3.61 20.41
N PRO A 60 13.12 -2.65 20.95
CA PRO A 60 13.76 -2.81 22.26
C PRO A 60 12.74 -3.19 23.34
N THR A 61 11.55 -2.61 23.21
CA THR A 61 10.49 -2.84 24.16
C THR A 61 10.15 -4.30 24.43
N GLU A 62 9.83 -5.07 23.40
CA GLU A 62 9.45 -6.48 23.54
C GLU A 62 10.20 -7.33 24.60
N GLN A 63 11.24 -6.79 25.22
CA GLN A 63 11.99 -7.56 26.23
C GLN A 63 12.90 -6.70 27.11
N VAL A 64 12.58 -5.42 27.20
CA VAL A 64 13.36 -4.42 27.95
C VAL A 64 13.93 -4.74 29.34
N GLY A 65 14.40 -3.66 29.99
CA GLY A 65 14.99 -3.76 31.31
C GLY A 65 16.42 -3.25 31.34
N ALA A 66 17.08 -3.46 32.48
CA ALA A 66 18.46 -3.03 32.66
C ALA A 66 19.36 -4.23 32.36
N ARG A 67 18.95 -5.03 31.38
CA ARG A 67 19.70 -6.20 30.96
C ARG A 67 20.26 -5.94 29.55
N PRO A 68 21.17 -6.82 29.08
CA PRO A 68 21.74 -6.63 27.75
C PRO A 68 20.70 -6.84 26.64
N LEU A 69 20.39 -5.78 25.90
CA LEU A 69 19.40 -5.86 24.83
C LEU A 69 19.77 -6.93 23.80
N GLU A 70 19.09 -8.07 23.89
CA GLU A 70 19.32 -9.19 22.99
C GLU A 70 18.63 -9.11 21.63
N PRO A 71 19.03 -9.98 20.69
CA PRO A 71 18.47 -10.04 19.33
C PRO A 71 17.49 -11.21 19.18
N THR A 72 16.26 -10.93 18.75
CA THR A 72 15.26 -11.98 18.59
C THR A 72 15.50 -12.76 17.30
N PHE A 73 15.91 -14.01 17.44
CA PHE A 73 16.19 -14.85 16.27
C PHE A 73 14.93 -15.23 15.49
N ARG A 74 14.01 -14.27 15.40
CA ARG A 74 12.75 -14.48 14.70
C ARG A 74 12.95 -14.53 13.18
N PRO A 75 12.24 -15.45 12.50
CA PRO A 75 12.35 -15.59 11.04
C PRO A 75 11.84 -14.34 10.33
N VAL A 76 12.50 -13.95 9.25
CA VAL A 76 12.11 -12.76 8.50
C VAL A 76 12.34 -12.85 6.99
N ARG A 77 11.26 -12.71 6.24
CA ARG A 77 11.34 -12.74 4.79
C ARG A 77 12.00 -11.44 4.37
N HIS A 78 12.97 -11.53 3.47
CA HIS A 78 13.68 -10.33 2.99
C HIS A 78 12.90 -9.60 1.90
N PRO A 79 13.02 -8.27 1.85
CA PRO A 79 12.33 -7.48 0.83
C PRO A 79 12.52 -8.13 -0.55
N THR A 80 13.75 -8.37 -0.96
CA THR A 80 13.96 -9.07 -2.23
C THR A 80 14.52 -10.41 -1.81
N ARG A 81 14.55 -11.34 -2.74
CA ARG A 81 15.08 -12.66 -2.49
C ARG A 81 16.62 -12.60 -2.60
N MET A 82 17.31 -13.42 -1.80
CA MET A 82 18.77 -13.46 -1.84
C MET A 82 19.08 -14.79 -2.51
N TYR A 83 19.86 -14.77 -3.60
CA TYR A 83 20.14 -16.03 -4.27
C TYR A 83 21.50 -16.59 -3.93
N SER A 84 21.78 -17.75 -4.51
CA SER A 84 23.04 -18.44 -4.35
C SER A 84 23.63 -18.50 -5.78
N LEU A 85 24.95 -18.60 -5.87
CA LEU A 85 25.61 -18.68 -7.16
C LEU A 85 25.78 -20.13 -7.58
N ASP A 86 26.00 -20.34 -8.88
CA ASP A 86 26.24 -21.69 -9.39
C ASP A 86 27.76 -21.91 -9.38
N ASN A 87 28.18 -23.15 -9.21
CA ASN A 87 29.61 -23.47 -9.13
C ASN A 87 30.35 -24.10 -10.30
N ALA A 88 31.46 -23.45 -10.67
CA ALA A 88 32.33 -23.92 -11.75
C ALA A 88 33.61 -24.39 -11.10
N PHE A 89 34.24 -25.41 -11.68
CA PHE A 89 35.49 -25.92 -11.13
C PHE A 89 36.60 -26.02 -12.15
N THR A 90 36.26 -25.77 -13.42
CA THR A 90 37.23 -25.84 -14.50
C THR A 90 37.07 -24.62 -15.39
N TYR A 91 38.11 -24.31 -16.17
CA TYR A 91 38.08 -23.19 -17.08
C TYR A 91 37.11 -23.44 -18.24
N GLU A 92 36.87 -24.72 -18.54
CA GLU A 92 35.93 -25.08 -19.61
C GLU A 92 34.60 -24.43 -19.19
N GLU A 93 34.18 -24.74 -17.95
CA GLU A 93 33.05 -24.08 -17.34
C GLU A 93 33.58 -22.67 -17.14
N VAL A 94 32.74 -21.66 -17.18
CA VAL A 94 33.31 -20.32 -17.10
C VAL A 94 33.73 -19.91 -18.48
N LEU A 95 33.86 -20.81 -19.37
CA LEU A 95 34.08 -20.42 -20.72
C LEU A 95 32.69 -20.65 -21.21
N ALA A 96 32.27 -21.87 -20.93
CA ALA A 96 30.92 -22.28 -21.29
C ALA A 96 30.00 -21.21 -20.73
N PHE A 97 30.27 -20.78 -19.50
CA PHE A 97 29.47 -19.77 -18.83
C PHE A 97 29.39 -18.48 -19.65
N GLU A 98 30.55 -17.92 -19.99
CA GLU A 98 30.58 -16.69 -20.78
C GLU A 98 30.00 -16.98 -22.14
N GLU A 99 30.07 -18.24 -22.54
CA GLU A 99 29.52 -18.65 -23.82
C GLU A 99 28.00 -18.57 -23.67
N ARG A 100 27.49 -19.09 -22.56
CA ARG A 100 26.05 -19.06 -22.29
C ARG A 100 25.54 -17.62 -22.43
N LEU A 101 26.38 -16.67 -22.07
CA LEU A 101 26.02 -15.25 -22.16
C LEU A 101 26.02 -14.77 -23.60
N GLU A 102 26.78 -15.46 -24.45
CA GLU A 102 26.87 -15.10 -25.85
C GLU A 102 25.49 -15.13 -26.48
N ARG A 103 24.61 -15.94 -25.93
CA ARG A 103 23.24 -16.03 -26.42
C ARG A 103 22.62 -14.65 -26.29
N ALA A 104 22.84 -13.77 -27.28
CA ALA A 104 22.31 -12.40 -27.21
C ALA A 104 23.21 -11.48 -28.08
N LEU A 105 24.49 -11.55 -27.59
CA LEU A 105 25.84 -10.96 -27.96
C LEU A 105 25.85 -9.49 -28.39
N GLY A 106 26.80 -9.11 -29.26
CA GLY A 106 26.88 -7.77 -29.80
C GLY A 106 28.26 -7.50 -30.35
N ARG A 107 28.78 -8.48 -31.10
CA ARG A 107 30.12 -8.39 -31.70
C ARG A 107 31.20 -8.58 -30.63
N LYS A 108 31.08 -9.66 -29.86
CA LYS A 108 32.05 -9.95 -28.81
C LYS A 108 31.91 -11.31 -28.13
N ARG A 109 32.63 -11.44 -27.04
CA ARG A 109 32.66 -12.63 -26.21
C ARG A 109 33.47 -12.16 -25.03
N PRO A 110 34.62 -11.51 -25.31
CA PRO A 110 35.40 -11.04 -24.18
C PRO A 110 34.50 -10.04 -23.46
N PHE A 111 33.90 -10.48 -22.36
CA PHE A 111 33.00 -9.62 -21.60
C PHE A 111 33.63 -9.07 -20.34
N LEU A 112 33.46 -7.77 -20.14
CA LEU A 112 34.03 -7.17 -18.96
C LEU A 112 33.31 -7.69 -17.72
N TYR A 113 34.08 -8.22 -16.78
CA TYR A 113 33.53 -8.73 -15.53
C TYR A 113 34.23 -8.05 -14.37
N THR A 114 33.77 -8.36 -13.16
CA THR A 114 34.38 -7.85 -11.95
C THR A 114 34.62 -9.14 -11.21
N VAL A 115 35.86 -9.37 -10.83
CA VAL A 115 36.20 -10.58 -10.10
C VAL A 115 36.60 -10.21 -8.70
N GLU A 116 36.10 -10.96 -7.74
CA GLU A 116 36.40 -10.70 -6.35
C GLU A 116 36.64 -12.00 -5.61
N HIS A 117 37.23 -11.91 -4.42
CA HIS A 117 37.50 -13.10 -3.62
C HIS A 117 36.19 -13.64 -3.10
N LYS A 118 36.17 -14.92 -2.76
CA LYS A 118 34.98 -15.55 -2.21
C LYS A 118 35.07 -15.66 -0.70
N VAL A 119 34.54 -14.66 -0.02
CA VAL A 119 34.54 -14.59 1.43
C VAL A 119 33.84 -15.78 2.06
N ASP A 120 34.60 -16.71 2.62
CA ASP A 120 33.99 -17.87 3.25
C ASP A 120 33.34 -17.38 4.53
N GLY A 121 32.07 -16.99 4.44
CA GLY A 121 31.37 -16.48 5.62
C GLY A 121 29.87 -16.68 5.53
N LEU A 122 29.10 -15.82 6.21
CA LEU A 122 27.66 -15.92 6.19
C LEU A 122 26.97 -14.71 5.61
N SER A 123 26.10 -14.97 4.65
CA SER A 123 25.36 -13.92 3.99
C SER A 123 24.47 -13.24 5.01
N VAL A 124 24.45 -11.91 5.00
CA VAL A 124 23.61 -11.17 5.90
C VAL A 124 22.85 -10.14 5.08
N ASN A 125 21.64 -9.82 5.53
CA ASN A 125 20.85 -8.81 4.84
C ASN A 125 20.71 -7.65 5.82
N LEU A 126 20.83 -6.43 5.30
CA LEU A 126 20.73 -5.21 6.10
C LEU A 126 19.78 -4.22 5.44
N TYR A 127 18.55 -4.19 5.94
CA TYR A 127 17.49 -3.31 5.43
C TYR A 127 17.57 -1.95 6.06
N TYR A 128 17.50 -0.91 5.24
CA TYR A 128 17.58 0.46 5.72
C TYR A 128 16.46 1.32 5.16
N GLU A 129 15.82 2.09 6.04
CA GLU A 129 14.75 2.98 5.64
C GLU A 129 15.21 4.42 5.86
N GLU A 130 14.93 5.26 4.88
CA GLU A 130 15.31 6.67 4.92
C GLU A 130 16.77 6.78 5.34
N GLY A 131 17.49 5.66 5.30
CA GLY A 131 18.89 5.66 5.69
C GLY A 131 19.12 4.89 6.99
N VAL A 132 18.18 5.02 7.94
CA VAL A 132 18.29 4.35 9.24
C VAL A 132 18.21 2.81 9.16
N LEU A 133 19.02 2.15 9.97
CA LEU A 133 19.04 0.70 9.94
C LEU A 133 17.82 0.14 10.67
N VAL A 134 16.91 -0.46 9.90
CA VAL A 134 15.70 -1.07 10.49
C VAL A 134 16.06 -2.40 11.13
N PHE A 135 16.58 -3.34 10.35
CA PHE A 135 17.00 -4.62 10.91
C PHE A 135 18.07 -5.23 10.03
N GLY A 136 18.58 -6.37 10.46
CA GLY A 136 19.61 -7.06 9.71
C GLY A 136 19.40 -8.52 9.99
N ALA A 137 19.17 -9.29 8.94
CA ALA A 137 18.93 -10.72 9.14
C ALA A 137 19.94 -11.60 8.41
N THR A 138 20.00 -12.86 8.81
CA THR A 138 20.89 -13.81 8.17
C THR A 138 20.19 -14.28 6.90
N ARG A 139 20.93 -14.96 6.02
CA ARG A 139 20.39 -15.44 4.76
C ARG A 139 19.33 -16.52 4.97
N GLY A 140 19.48 -17.33 6.00
CA GLY A 140 18.49 -18.38 6.20
C GLY A 140 18.39 -19.22 4.94
N ASP A 141 17.22 -19.28 4.33
CA ASP A 141 17.09 -20.09 3.12
C ASP A 141 17.04 -19.31 1.80
N GLY A 142 17.36 -18.02 1.86
CA GLY A 142 17.32 -17.25 0.64
C GLY A 142 16.12 -16.35 0.62
N GLU A 143 15.08 -16.75 1.35
CA GLU A 143 13.88 -15.93 1.44
C GLU A 143 13.59 -15.45 2.85
N VAL A 144 13.66 -16.35 3.84
CA VAL A 144 13.41 -15.94 5.21
C VAL A 144 14.62 -16.27 6.08
N GLY A 145 15.07 -15.28 6.85
CA GLY A 145 16.22 -15.48 7.71
C GLY A 145 16.04 -14.95 9.12
N GLU A 146 16.91 -15.37 10.02
CA GLU A 146 16.84 -14.96 11.42
C GLU A 146 17.28 -13.51 11.61
N GLU A 147 16.58 -12.82 12.51
CA GLU A 147 16.85 -11.43 12.85
C GLU A 147 18.01 -11.43 13.85
N VAL A 148 19.00 -10.59 13.62
CA VAL A 148 20.14 -10.57 14.49
C VAL A 148 20.82 -9.21 14.50
N THR A 149 20.01 -8.16 14.37
CA THR A 149 20.49 -6.79 14.35
C THR A 149 21.43 -6.45 15.48
N GLN A 150 21.10 -6.81 16.71
CA GLN A 150 21.99 -6.48 17.82
C GLN A 150 23.42 -6.90 17.52
N ASN A 151 23.60 -8.21 17.32
CA ASN A 151 24.92 -8.75 17.02
C ASN A 151 25.62 -8.05 15.85
N LEU A 152 24.85 -7.53 14.90
CA LEU A 152 25.47 -6.83 13.77
C LEU A 152 26.00 -5.49 14.24
N LEU A 153 25.68 -5.11 15.48
CA LEU A 153 26.16 -3.83 15.99
C LEU A 153 27.51 -4.00 16.68
N THR A 154 27.82 -5.23 17.06
CA THR A 154 29.09 -5.49 17.71
C THR A 154 30.24 -5.38 16.70
N ILE A 155 29.90 -5.28 15.41
CA ILE A 155 30.93 -5.10 14.40
C ILE A 155 30.94 -3.61 14.09
N PRO A 156 31.93 -2.88 14.63
CA PRO A 156 32.06 -1.44 14.42
C PRO A 156 32.05 -0.91 12.99
N THR A 157 32.36 -1.76 12.02
CA THR A 157 32.37 -1.31 10.63
C THR A 157 30.98 -1.17 10.01
N ILE A 158 30.04 -2.02 10.43
CA ILE A 158 28.69 -1.93 9.87
C ILE A 158 28.10 -0.58 10.24
N PRO A 159 27.83 0.28 9.25
CA PRO A 159 27.27 1.61 9.48
C PRO A 159 25.81 1.57 9.91
N ARG A 160 25.37 2.58 10.66
CA ARG A 160 23.99 2.62 11.12
C ARG A 160 23.18 3.70 10.39
N ARG A 161 23.84 4.76 9.95
CA ARG A 161 23.16 5.84 9.26
C ARG A 161 23.83 6.14 7.92
N LEU A 162 23.10 5.91 6.83
CA LEU A 162 23.66 6.17 5.50
C LEU A 162 23.26 7.59 5.12
N LYS A 163 23.58 7.99 3.89
CA LYS A 163 23.26 9.34 3.43
C LYS A 163 23.33 9.48 1.91
N GLY A 164 22.22 9.91 1.31
CA GLY A 164 22.17 10.08 -0.13
C GLY A 164 21.78 8.77 -0.78
N VAL A 165 21.18 7.89 0.01
CA VAL A 165 20.76 6.57 -0.46
C VAL A 165 19.26 6.53 -0.68
N PRO A 166 18.78 5.53 -1.42
CA PRO A 166 17.35 5.38 -1.71
C PRO A 166 16.54 5.17 -0.43
N ASP A 167 15.35 5.77 -0.39
CA ASP A 167 14.44 5.68 0.77
C ASP A 167 14.37 4.26 1.34
N ARG A 168 14.48 3.27 0.47
CA ARG A 168 14.47 1.88 0.89
C ARG A 168 15.74 1.27 0.30
N LEU A 169 16.61 0.78 1.17
CA LEU A 169 17.85 0.18 0.73
C LEU A 169 18.07 -1.17 1.39
N GLU A 170 18.41 -2.15 0.56
CA GLU A 170 18.64 -3.49 1.03
C GLU A 170 20.04 -3.87 0.58
N VAL A 171 21.04 -3.57 1.40
CA VAL A 171 22.41 -3.91 1.03
C VAL A 171 22.78 -5.30 1.54
N ARG A 172 23.43 -6.09 0.70
CA ARG A 172 23.82 -7.45 1.07
C ARG A 172 25.33 -7.66 1.03
N GLY A 173 25.85 -8.45 1.96
CA GLY A 173 27.28 -8.73 2.01
C GLY A 173 27.47 -9.93 2.89
N GLU A 174 28.56 -9.99 3.65
CA GLU A 174 28.76 -11.14 4.52
C GLU A 174 29.41 -10.79 5.85
N VAL A 175 29.28 -11.68 6.82
CA VAL A 175 29.91 -11.46 8.11
C VAL A 175 30.79 -12.68 8.29
N TYR A 176 32.07 -12.45 8.57
CA TYR A 176 32.98 -13.59 8.74
C TYR A 176 33.99 -13.44 9.88
N MET A 177 34.68 -14.54 10.14
CA MET A 177 35.70 -14.58 11.18
C MET A 177 37.05 -14.91 10.55
N PRO A 178 38.05 -14.04 10.77
CA PRO A 178 39.42 -14.17 10.26
C PRO A 178 40.11 -15.37 10.89
N ILE A 179 40.93 -16.04 10.10
CA ILE A 179 41.62 -17.23 10.56
C ILE A 179 42.27 -17.08 11.94
N GLU A 180 42.89 -15.94 12.19
CA GLU A 180 43.51 -15.74 13.49
C GLU A 180 42.42 -15.99 14.54
N ALA A 181 41.34 -15.20 14.47
CA ALA A 181 40.23 -15.34 15.38
C ALA A 181 39.71 -16.78 15.33
N PHE A 182 39.24 -17.21 14.17
CA PHE A 182 38.74 -18.57 14.03
C PHE A 182 39.58 -19.52 14.85
N LEU A 183 40.90 -19.48 14.61
CA LEU A 183 41.88 -20.33 15.30
C LEU A 183 41.97 -20.05 16.81
N ARG A 184 41.81 -18.78 17.18
CA ARG A 184 41.84 -18.40 18.59
C ARG A 184 40.61 -19.01 19.26
N LEU A 185 39.45 -18.73 18.68
CA LEU A 185 38.19 -19.24 19.20
C LEU A 185 38.23 -20.76 19.30
N ASN A 186 38.92 -21.37 18.37
CA ASN A 186 39.00 -22.81 18.34
C ASN A 186 39.93 -23.36 19.42
N GLU A 187 40.91 -22.56 19.82
CA GLU A 187 41.86 -22.96 20.86
C GLU A 187 41.16 -22.90 22.21
N GLU A 188 40.49 -21.79 22.48
CA GLU A 188 39.77 -21.62 23.74
C GLU A 188 38.73 -22.71 23.92
N LEU A 189 38.16 -23.18 22.82
CA LEU A 189 37.16 -24.23 22.90
C LEU A 189 37.75 -25.59 23.24
N GLU A 190 38.89 -25.93 22.64
CA GLU A 190 39.49 -27.23 22.93
C GLU A 190 39.79 -27.38 24.41
N GLU A 191 40.35 -26.33 25.01
CA GLU A 191 40.69 -26.34 26.41
C GLU A 191 39.46 -26.55 27.29
N ARG A 192 38.39 -25.82 27.01
CA ARG A 192 37.17 -25.95 27.78
C ARG A 192 36.59 -27.35 27.61
N GLY A 193 36.96 -28.03 26.54
CA GLY A 193 36.46 -29.38 26.31
C GLY A 193 35.27 -29.43 25.37
N GLU A 194 34.99 -28.29 24.73
CA GLU A 194 33.88 -28.17 23.80
C GLU A 194 34.31 -28.67 22.43
N LYS A 195 33.35 -28.93 21.55
CA LYS A 195 33.68 -29.37 20.21
C LYS A 195 34.01 -28.10 19.44
N VAL A 196 35.11 -28.13 18.71
CA VAL A 196 35.57 -26.99 17.93
C VAL A 196 34.89 -26.91 16.58
N PHE A 197 34.85 -25.72 16.01
CA PHE A 197 34.24 -25.53 14.69
C PHE A 197 35.17 -26.10 13.63
N LYS A 198 34.59 -26.62 12.55
CA LYS A 198 35.41 -27.16 11.47
C LYS A 198 35.68 -26.14 10.38
N ASN A 199 35.21 -24.89 10.54
CA ASN A 199 35.46 -23.86 9.53
C ASN A 199 34.93 -22.47 9.87
N PRO A 200 35.49 -21.43 9.24
CA PRO A 200 35.12 -20.03 9.44
C PRO A 200 33.67 -19.63 9.15
N ARG A 201 32.94 -20.44 8.37
CA ARG A 201 31.55 -20.09 8.08
C ARG A 201 30.75 -20.39 9.34
N ASN A 202 30.76 -21.66 9.74
CA ASN A 202 30.05 -22.06 10.93
C ASN A 202 30.45 -21.22 12.13
N ALA A 203 31.75 -21.20 12.42
CA ALA A 203 32.29 -20.42 13.52
C ALA A 203 31.84 -18.97 13.49
N ALA A 204 31.46 -18.48 12.32
CA ALA A 204 31.01 -17.10 12.22
C ALA A 204 29.54 -17.08 12.54
N ALA A 205 28.85 -18.14 12.13
CA ALA A 205 27.42 -18.29 12.36
C ALA A 205 27.12 -18.20 13.87
N GLY A 206 27.74 -19.10 14.62
CA GLY A 206 27.54 -19.13 16.06
C GLY A 206 27.89 -17.81 16.70
N SER A 207 29.13 -17.36 16.51
CA SER A 207 29.58 -16.11 17.09
C SER A 207 28.61 -14.95 16.89
N LEU A 208 27.67 -15.11 15.95
CA LEU A 208 26.68 -14.06 15.65
C LEU A 208 25.31 -14.47 16.18
N ARG A 209 25.12 -15.78 16.37
CA ARG A 209 23.88 -16.34 16.87
C ARG A 209 23.97 -16.58 18.38
N GLN A 210 24.38 -15.55 19.10
CA GLN A 210 24.51 -15.61 20.55
C GLN A 210 23.47 -14.70 21.17
N LYS A 211 22.84 -15.17 22.24
CA LYS A 211 21.81 -14.40 22.92
C LYS A 211 22.45 -13.13 23.45
N ASP A 212 23.56 -13.31 24.17
CA ASP A 212 24.30 -12.21 24.77
C ASP A 212 25.22 -11.55 23.75
N PRO A 213 24.79 -10.42 23.16
CA PRO A 213 25.61 -9.71 22.17
C PRO A 213 26.98 -9.30 22.69
N ARG A 214 27.16 -9.38 24.01
CA ARG A 214 28.43 -9.02 24.60
C ARG A 214 29.46 -10.09 24.19
N VAL A 215 28.98 -11.30 23.91
CA VAL A 215 29.85 -12.40 23.50
C VAL A 215 30.34 -12.22 22.06
N THR A 216 29.41 -11.90 21.16
CA THR A 216 29.72 -11.69 19.77
C THR A 216 30.84 -10.67 19.58
N ALA A 217 30.97 -9.78 20.56
CA ALA A 217 32.00 -8.74 20.48
C ALA A 217 33.42 -9.21 20.81
N LYS A 218 33.54 -10.31 21.56
CA LYS A 218 34.86 -10.83 21.91
C LYS A 218 35.37 -11.75 20.81
N ARG A 219 34.45 -12.19 19.96
CA ARG A 219 34.79 -13.04 18.83
C ARG A 219 35.33 -12.03 17.82
N GLY A 220 36.09 -12.45 16.85
CA GLY A 220 36.64 -11.52 15.94
C GLY A 220 35.75 -10.79 14.87
N LEU A 221 34.60 -11.36 14.53
CA LEU A 221 33.66 -10.93 13.46
C LEU A 221 33.88 -9.67 12.74
N ARG A 222 34.08 -9.94 11.50
CA ARG A 222 34.32 -8.89 10.54
C ARG A 222 33.22 -9.03 9.44
N ALA A 223 32.85 -7.92 8.79
CA ALA A 223 31.84 -7.96 7.76
C ALA A 223 32.24 -7.15 6.51
N THR A 224 31.85 -7.66 5.35
CA THR A 224 32.12 -6.99 4.09
C THR A 224 30.85 -7.01 3.22
N PHE A 225 30.65 -6.00 2.39
CA PHE A 225 29.46 -5.94 1.55
C PHE A 225 29.73 -5.75 0.06
N TYR A 226 28.93 -6.41 -0.76
CA TYR A 226 29.10 -6.38 -2.21
C TYR A 226 27.84 -6.25 -3.09
N ALA A 227 26.64 -6.27 -2.52
CA ALA A 227 25.45 -6.19 -3.35
C ALA A 227 24.31 -5.39 -2.82
N LEU A 228 23.41 -5.02 -3.71
CA LEU A 228 22.23 -4.29 -3.32
C LEU A 228 21.03 -5.17 -3.57
N GLY A 229 19.90 -4.70 -3.07
CA GLY A 229 18.61 -5.38 -3.23
C GLY A 229 17.75 -4.18 -3.50
N LEU A 230 16.65 -4.03 -2.77
CA LEU A 230 15.82 -2.85 -2.97
C LEU A 230 16.76 -1.63 -2.93
N GLY A 231 17.00 -1.03 -4.09
CA GLY A 231 17.88 0.12 -4.12
C GLY A 231 18.75 0.24 -5.36
N LEU A 232 19.04 -0.88 -6.03
CA LEU A 232 19.87 -0.86 -7.25
C LEU A 232 19.49 0.33 -8.10
N GLU A 233 18.24 0.22 -8.48
CA GLU A 233 17.75 1.31 -9.15
C GLU A 233 17.16 2.11 -8.07
N GLU A 234 17.91 3.10 -7.96
CA GLU A 234 17.59 4.17 -7.08
C GLU A 234 18.85 4.98 -6.99
N SER A 235 19.88 4.15 -6.84
CA SER A 235 21.30 4.47 -6.66
C SER A 235 21.95 5.06 -7.88
N GLY A 236 21.45 4.65 -9.04
CA GLY A 236 22.02 5.11 -10.28
C GLY A 236 23.29 4.38 -10.65
N LEU A 237 23.57 3.29 -9.94
CA LEU A 237 24.76 2.51 -10.22
C LEU A 237 24.58 1.85 -11.56
N LYS A 238 25.69 1.63 -12.26
CA LYS A 238 25.66 1.05 -13.58
C LYS A 238 26.60 -0.15 -13.68
N SER A 239 27.75 -0.04 -13.02
CA SER A 239 28.75 -1.11 -13.01
C SER A 239 28.92 -1.73 -11.64
N GLN A 240 29.19 -3.03 -11.64
CA GLN A 240 29.42 -3.77 -10.41
C GLN A 240 30.58 -3.10 -9.72
N TYR A 241 31.64 -2.87 -10.48
CA TYR A 241 32.83 -2.22 -9.95
C TYR A 241 32.49 -0.95 -9.18
N GLU A 242 31.69 -0.07 -9.78
CA GLU A 242 31.31 1.17 -9.12
C GLU A 242 30.56 0.86 -7.82
N LEU A 243 29.71 -0.16 -7.89
CA LEU A 243 28.93 -0.58 -6.73
C LEU A 243 29.84 -0.71 -5.51
N LEU A 244 30.82 -1.60 -5.59
CA LEU A 244 31.74 -1.83 -4.49
C LEU A 244 32.38 -0.54 -4.00
N LEU A 245 32.61 0.41 -4.91
CA LEU A 245 33.20 1.68 -4.49
C LEU A 245 32.12 2.53 -3.83
N TRP A 246 30.90 2.48 -4.37
CA TRP A 246 29.79 3.22 -3.81
C TRP A 246 29.64 2.69 -2.39
N LEU A 247 29.45 1.39 -2.28
CA LEU A 247 29.30 0.70 -1.01
C LEU A 247 30.32 1.14 0.05
N LYS A 248 31.55 1.34 -0.39
CA LYS A 248 32.63 1.75 0.51
C LYS A 248 32.42 3.18 1.00
N GLU A 249 32.22 4.08 0.06
CA GLU A 249 32.02 5.48 0.36
C GLU A 249 30.87 5.74 1.34
N LYS A 250 29.87 4.87 1.32
CA LYS A 250 28.71 5.02 2.19
C LYS A 250 28.95 4.65 3.64
N GLY A 251 30.04 3.94 3.91
CA GLY A 251 30.34 3.56 5.27
C GLY A 251 30.26 2.07 5.45
N PHE A 252 29.96 1.38 4.36
CA PHE A 252 29.87 -0.07 4.41
C PHE A 252 31.28 -0.59 4.24
N PRO A 253 31.63 -1.62 5.00
CA PRO A 253 33.00 -2.11 4.82
C PRO A 253 33.10 -3.12 3.68
N VAL A 254 34.05 -2.89 2.78
CA VAL A 254 34.30 -3.83 1.68
C VAL A 254 35.79 -4.17 1.78
N GLU A 255 36.08 -5.34 2.33
CA GLU A 255 37.45 -5.75 2.58
C GLU A 255 37.96 -6.89 1.70
N HIS A 256 37.07 -7.76 1.27
CA HIS A 256 37.46 -8.85 0.38
C HIS A 256 37.92 -8.15 -0.88
N GLY A 257 38.94 -8.69 -1.53
CA GLY A 257 39.45 -8.04 -2.73
C GLY A 257 38.73 -8.23 -4.04
N TYR A 258 38.81 -7.24 -4.92
CA TYR A 258 38.16 -7.35 -6.22
C TYR A 258 38.91 -6.60 -7.33
N GLU A 259 38.68 -7.03 -8.56
CA GLU A 259 39.29 -6.38 -9.71
C GLU A 259 38.61 -6.77 -11.02
N LYS A 260 38.79 -5.91 -12.02
CA LYS A 260 38.21 -6.12 -13.34
C LYS A 260 38.94 -7.18 -14.15
N ALA A 261 38.25 -7.73 -15.14
CA ALA A 261 38.82 -8.74 -16.00
C ALA A 261 37.92 -8.91 -17.21
N LEU A 262 38.54 -9.12 -18.36
CA LEU A 262 37.89 -9.29 -19.65
C LEU A 262 37.85 -10.75 -20.13
N GLY A 263 36.65 -11.21 -20.49
CA GLY A 263 36.45 -12.55 -21.01
C GLY A 263 36.96 -13.71 -20.16
N ALA A 264 36.35 -14.88 -20.30
CA ALA A 264 36.77 -16.04 -19.53
C ALA A 264 38.27 -16.02 -19.37
N GLU A 265 39.00 -16.10 -20.48
CA GLU A 265 40.46 -16.07 -20.46
C GLU A 265 41.01 -15.10 -19.39
N GLY A 266 40.64 -13.83 -19.48
CA GLY A 266 41.09 -12.85 -18.50
C GLY A 266 40.70 -13.24 -17.08
N VAL A 267 39.44 -13.61 -16.88
CA VAL A 267 38.96 -14.03 -15.58
C VAL A 267 39.93 -15.10 -15.08
N GLU A 268 40.14 -16.10 -15.92
CA GLU A 268 41.03 -17.22 -15.62
C GLU A 268 42.42 -16.73 -15.21
N GLU A 269 42.71 -15.46 -15.46
CA GLU A 269 44.01 -14.93 -15.09
C GLU A 269 43.98 -14.53 -13.63
N VAL A 270 42.99 -13.73 -13.25
CA VAL A 270 42.81 -13.28 -11.87
C VAL A 270 42.69 -14.51 -10.98
N TYR A 271 41.97 -15.50 -11.50
CA TYR A 271 41.76 -16.73 -10.77
C TYR A 271 43.05 -17.27 -10.19
N ARG A 272 44.02 -17.54 -11.04
CA ARG A 272 45.29 -18.09 -10.58
C ARG A 272 46.15 -17.13 -9.79
N ARG A 273 46.15 -15.87 -10.18
CA ARG A 273 46.93 -14.90 -9.45
C ARG A 273 46.36 -14.93 -8.02
N PHE A 274 45.11 -15.38 -7.94
CA PHE A 274 44.41 -15.50 -6.67
C PHE A 274 44.72 -16.81 -5.98
N LEU A 275 44.45 -17.91 -6.67
CA LEU A 275 44.71 -19.24 -6.13
C LEU A 275 46.09 -19.32 -5.46
N ALA A 276 46.96 -18.38 -5.77
CA ALA A 276 48.29 -18.39 -5.19
C ALA A 276 48.33 -17.67 -3.86
N GLN A 277 47.28 -16.91 -3.59
CA GLN A 277 47.20 -16.18 -2.34
C GLN A 277 46.08 -16.79 -1.50
N ARG A 278 45.63 -17.97 -1.93
CA ARG A 278 44.57 -18.73 -1.29
C ARG A 278 44.74 -18.86 0.24
N HIS A 279 45.97 -18.67 0.72
CA HIS A 279 46.28 -18.76 2.14
C HIS A 279 47.09 -17.56 2.59
N ALA A 280 46.97 -16.47 1.84
CA ALA A 280 47.71 -15.25 2.15
C ALA A 280 46.76 -14.17 2.63
N LEU A 281 45.48 -14.52 2.70
CA LEU A 281 44.48 -13.57 3.13
C LEU A 281 44.17 -13.67 4.61
N PRO A 282 43.67 -12.57 5.19
CA PRO A 282 43.35 -12.61 6.61
C PRO A 282 42.08 -13.41 6.85
N PHE A 283 41.61 -14.11 5.80
CA PHE A 283 40.40 -14.92 5.90
C PHE A 283 40.37 -16.04 4.86
N GLU A 284 39.73 -17.15 5.20
CA GLU A 284 39.61 -18.27 4.28
C GLU A 284 38.73 -17.95 3.06
N ALA A 285 39.25 -18.21 1.87
CA ALA A 285 38.52 -17.97 0.62
C ALA A 285 38.66 -19.20 -0.25
N ASP A 286 37.54 -19.85 -0.59
CA ASP A 286 37.60 -21.08 -1.37
C ASP A 286 37.34 -20.97 -2.87
N GLY A 287 37.56 -19.79 -3.44
CA GLY A 287 37.33 -19.59 -4.87
C GLY A 287 37.24 -18.10 -5.16
N VAL A 288 36.55 -17.72 -6.24
CA VAL A 288 36.35 -16.31 -6.59
C VAL A 288 34.99 -16.17 -7.27
N VAL A 289 34.55 -14.95 -7.49
CA VAL A 289 33.25 -14.74 -8.10
C VAL A 289 33.24 -13.88 -9.35
N VAL A 290 32.93 -14.52 -10.47
CA VAL A 290 32.85 -13.89 -11.78
C VAL A 290 31.51 -13.15 -11.89
N LYS A 291 31.52 -11.83 -11.88
CA LYS A 291 30.24 -11.08 -12.01
C LYS A 291 30.23 -10.19 -13.26
N LEU A 292 29.25 -10.42 -14.15
CA LEU A 292 29.16 -9.62 -15.36
C LEU A 292 29.15 -8.21 -14.83
N ASP A 293 29.94 -7.31 -15.41
CA ASP A 293 30.00 -5.98 -14.84
C ASP A 293 28.93 -4.96 -15.21
N ASP A 294 28.17 -5.19 -16.27
CA ASP A 294 27.13 -4.23 -16.65
C ASP A 294 25.81 -4.50 -15.95
N LEU A 295 25.55 -3.76 -14.88
CA LEU A 295 24.31 -3.92 -14.09
C LEU A 295 23.04 -3.78 -14.91
N ALA A 296 23.10 -2.91 -15.92
CA ALA A 296 21.98 -2.66 -16.81
C ALA A 296 21.58 -3.96 -17.51
N LEU A 297 22.57 -4.75 -17.88
CA LEU A 297 22.31 -6.00 -18.59
C LEU A 297 22.03 -7.16 -17.64
N TRP A 298 21.79 -6.85 -16.37
CA TRP A 298 21.50 -7.85 -15.35
C TRP A 298 20.05 -8.29 -15.40
N ARG A 299 19.16 -7.33 -15.62
CA ARG A 299 17.73 -7.62 -15.68
C ARG A 299 17.40 -8.58 -16.81
N GLU A 300 17.79 -8.25 -18.05
CA GLU A 300 17.52 -9.12 -19.20
C GLU A 300 17.95 -10.53 -18.85
N LEU A 301 19.18 -10.66 -18.37
CA LEU A 301 19.69 -11.95 -17.94
C LEU A 301 18.89 -12.24 -16.67
N GLY A 302 18.30 -13.42 -16.59
CA GLY A 302 17.53 -13.73 -15.41
C GLY A 302 18.22 -14.55 -14.38
N TYR A 303 17.43 -15.13 -13.49
CA TYR A 303 17.91 -16.00 -12.44
C TYR A 303 17.24 -17.31 -12.77
N THR A 304 17.92 -18.42 -12.54
CA THR A 304 17.31 -19.71 -12.80
C THR A 304 16.45 -19.97 -11.56
N ALA A 305 16.13 -21.23 -11.31
CA ALA A 305 15.33 -21.58 -10.16
C ALA A 305 15.93 -20.99 -8.89
N ARG A 306 17.25 -21.14 -8.73
CA ARG A 306 17.93 -20.64 -7.53
C ARG A 306 19.33 -20.10 -7.78
N ALA A 307 19.53 -19.41 -8.88
CA ALA A 307 20.84 -18.87 -9.19
C ALA A 307 20.78 -17.82 -10.29
N PRO A 308 21.72 -16.85 -10.28
CA PRO A 308 21.74 -15.79 -11.29
C PRO A 308 22.47 -16.31 -12.54
N ARG A 309 22.40 -15.56 -13.64
CA ARG A 309 23.04 -15.97 -14.90
C ARG A 309 24.18 -15.06 -15.29
N PHE A 310 24.15 -13.84 -14.77
CA PHE A 310 25.16 -12.83 -15.05
C PHE A 310 26.35 -12.94 -14.11
N ALA A 311 26.30 -13.89 -13.17
CA ALA A 311 27.39 -14.07 -12.22
C ALA A 311 27.66 -15.55 -12.01
N LEU A 312 28.83 -15.87 -11.49
CA LEU A 312 29.22 -17.25 -11.28
C LEU A 312 30.30 -17.36 -10.22
N ALA A 313 30.41 -18.55 -9.62
CA ALA A 313 31.41 -18.77 -8.58
C ALA A 313 32.42 -19.81 -9.03
N TYR A 314 33.64 -19.32 -9.32
CA TYR A 314 34.75 -20.16 -9.78
C TYR A 314 35.52 -20.54 -8.54
N LYS A 315 35.39 -21.81 -8.14
CA LYS A 315 36.02 -22.29 -6.93
C LYS A 315 37.34 -23.03 -7.06
N PHE A 316 38.21 -22.83 -6.06
CA PHE A 316 39.52 -23.46 -5.99
C PHE A 316 39.35 -24.96 -5.84
N PRO A 317 40.39 -25.74 -6.17
CA PRO A 317 40.19 -27.19 -6.02
C PRO A 317 40.03 -27.58 -4.56
N ALA A 318 39.07 -28.45 -4.30
CA ALA A 318 38.77 -28.92 -2.96
C ALA A 318 39.86 -29.83 -2.41
N GLU A 319 40.47 -29.41 -1.31
CA GLU A 319 41.53 -30.20 -0.69
C GLU A 319 40.95 -31.15 0.35
N GLU A 320 40.54 -32.33 -0.12
CA GLU A 320 39.97 -33.37 0.73
C GLU A 320 40.53 -34.72 0.29
N LYS A 321 41.02 -35.51 1.24
CA LYS A 321 41.57 -36.81 0.87
C LYS A 321 41.32 -37.87 1.93
N GLU A 322 41.05 -39.09 1.48
CA GLU A 322 40.78 -40.21 2.37
C GLU A 322 42.09 -40.87 2.76
N THR A 323 42.11 -41.42 3.97
CA THR A 323 43.27 -42.12 4.48
C THR A 323 42.80 -42.85 5.73
N ARG A 324 43.68 -43.61 6.32
CA ARG A 324 43.33 -44.37 7.50
C ARG A 324 43.97 -43.81 8.77
N LEU A 325 43.26 -43.94 9.90
CA LEU A 325 43.78 -43.50 11.19
C LEU A 325 44.43 -44.77 11.69
N LEU A 326 45.74 -44.74 11.89
CA LEU A 326 46.43 -45.95 12.33
C LEU A 326 46.54 -46.09 13.83
N ASP A 327 47.25 -45.16 14.42
CA ASP A 327 47.46 -45.18 15.84
C ASP A 327 47.16 -43.75 16.28
N VAL A 328 46.99 -43.57 17.59
CA VAL A 328 46.74 -42.24 18.14
C VAL A 328 47.64 -42.12 19.36
N VAL A 329 48.39 -41.03 19.41
CA VAL A 329 49.29 -40.80 20.53
C VAL A 329 48.83 -39.59 21.35
N PHE A 330 49.30 -39.51 22.59
CA PHE A 330 48.91 -38.41 23.46
C PHE A 330 50.02 -37.46 23.85
N GLN A 331 49.63 -36.22 24.07
CA GLN A 331 50.56 -35.18 24.48
C GLN A 331 49.92 -34.41 25.64
N VAL A 332 50.73 -33.61 26.33
CA VAL A 332 50.23 -32.83 27.43
C VAL A 332 50.60 -31.36 27.25
N GLY A 333 49.59 -30.51 27.31
CA GLY A 333 49.80 -29.09 27.12
C GLY A 333 50.45 -28.40 28.30
N ARG A 334 50.63 -27.09 28.16
CA ARG A 334 51.24 -26.25 29.17
C ARG A 334 50.31 -26.02 30.36
N THR A 335 49.05 -26.39 30.19
CA THR A 335 48.04 -26.23 31.24
C THR A 335 47.83 -27.56 31.97
N GLY A 336 48.17 -28.65 31.31
CA GLY A 336 48.02 -29.96 31.91
C GLY A 336 47.14 -30.84 31.05
N ARG A 337 46.25 -30.22 30.27
CA ARG A 337 45.31 -30.94 29.40
C ARG A 337 46.02 -31.96 28.52
N VAL A 338 45.71 -33.23 28.69
CA VAL A 338 46.34 -34.24 27.87
C VAL A 338 45.64 -34.33 26.50
N THR A 339 46.27 -33.70 25.51
CA THR A 339 45.77 -33.62 24.13
C THR A 339 45.90 -34.90 23.30
N PRO A 340 44.99 -35.10 22.34
CA PRO A 340 45.03 -36.30 21.50
C PRO A 340 45.59 -36.00 20.09
N VAL A 341 46.42 -36.90 19.58
CA VAL A 341 47.00 -36.71 18.25
C VAL A 341 46.87 -37.97 17.40
N GLY A 342 46.16 -37.84 16.29
CA GLY A 342 46.00 -38.99 15.44
C GLY A 342 47.16 -39.15 14.47
N VAL A 343 47.70 -40.37 14.40
CA VAL A 343 48.79 -40.64 13.46
C VAL A 343 48.14 -41.35 12.25
N LEU A 344 47.93 -40.59 11.18
CA LEU A 344 47.31 -41.07 9.97
C LEU A 344 48.31 -41.73 9.03
N GLU A 345 47.79 -42.37 7.98
CA GLU A 345 48.61 -43.01 6.97
C GLU A 345 49.12 -41.83 6.13
N PRO A 346 50.43 -41.73 5.89
CA PRO A 346 50.95 -40.61 5.09
C PRO A 346 50.07 -40.32 3.87
N VAL A 347 49.51 -39.11 3.81
CA VAL A 347 48.66 -38.75 2.68
C VAL A 347 49.04 -37.36 2.16
N PHE A 348 48.37 -36.91 1.11
CA PHE A 348 48.71 -35.61 0.54
C PHE A 348 47.59 -34.61 0.37
N ILE A 349 47.86 -33.38 0.79
CA ILE A 349 46.91 -32.29 0.69
C ILE A 349 47.71 -31.05 0.32
N GLU A 350 47.65 -30.67 -0.95
CA GLU A 350 48.39 -29.53 -1.47
C GLU A 350 49.90 -29.73 -1.36
N GLY A 351 50.39 -30.88 -1.83
CA GLY A 351 51.82 -31.13 -1.77
C GLY A 351 52.38 -31.44 -0.39
N SER A 352 51.86 -30.77 0.64
CA SER A 352 52.30 -31.02 2.00
C SER A 352 51.81 -32.41 2.41
N GLU A 353 52.73 -33.29 2.78
CA GLU A 353 52.39 -34.65 3.19
C GLU A 353 51.86 -34.71 4.63
N VAL A 354 50.57 -34.98 4.78
CA VAL A 354 49.97 -35.07 6.11
C VAL A 354 50.10 -36.47 6.70
N SER A 355 50.63 -36.56 7.92
CA SER A 355 50.80 -37.87 8.58
C SER A 355 50.42 -37.86 10.06
N ARG A 356 50.38 -36.68 10.67
CA ARG A 356 50.01 -36.54 12.07
C ARG A 356 49.00 -35.43 12.19
N VAL A 357 47.81 -35.78 12.68
CA VAL A 357 46.75 -34.82 12.82
C VAL A 357 46.16 -34.76 14.24
N THR A 358 45.83 -33.55 14.67
CA THR A 358 45.25 -33.35 16.00
C THR A 358 43.87 -33.95 16.07
N LEU A 359 43.75 -34.63 17.11
CA LEU A 359 42.50 -35.00 17.34
C LEU A 359 42.25 -33.62 17.95
N HIS A 360 41.53 -33.48 19.01
CA HIS A 360 41.24 -32.22 19.63
C HIS A 360 41.25 -32.51 21.06
N ASN A 361 40.07 -32.83 21.47
CA ASN A 361 39.77 -33.25 22.81
C ASN A 361 38.92 -34.50 22.64
N GLU A 362 38.55 -35.04 23.76
CA GLU A 362 37.67 -36.21 23.88
C GLU A 362 36.27 -35.98 23.29
N SER A 363 35.83 -34.73 23.25
CA SER A 363 34.53 -34.46 22.67
C SER A 363 34.60 -34.78 21.18
N TYR A 364 35.48 -34.07 20.45
CA TYR A 364 35.63 -34.27 19.00
C TYR A 364 35.68 -35.75 18.64
N ILE A 365 36.55 -36.49 19.32
CA ILE A 365 36.68 -37.91 19.07
C ILE A 365 35.34 -38.61 19.28
N GLU A 366 34.58 -38.14 20.26
CA GLU A 366 33.28 -38.71 20.57
C GLU A 366 32.22 -38.32 19.53
N GLU A 367 32.10 -37.02 19.27
CA GLU A 367 31.12 -36.52 18.30
C GLU A 367 31.23 -37.25 16.97
N LEU A 368 32.41 -37.20 16.37
CA LEU A 368 32.70 -37.84 15.09
C LEU A 368 32.87 -39.34 15.20
N ASP A 369 32.71 -39.91 16.40
CA ASP A 369 32.90 -41.35 16.58
C ASP A 369 34.15 -41.75 15.77
N ILE A 370 35.31 -41.28 16.21
CA ILE A 370 36.56 -41.56 15.53
C ILE A 370 37.29 -42.70 16.19
N ARG A 371 37.11 -43.91 15.70
CA ARG A 371 37.79 -45.06 16.28
C ARG A 371 39.17 -45.14 15.67
N ILE A 372 39.86 -46.26 15.86
CA ILE A 372 41.20 -46.37 15.30
C ILE A 372 41.25 -46.91 13.87
N GLY A 373 41.20 -48.23 13.70
CA GLY A 373 41.26 -48.80 12.35
C GLY A 373 40.55 -47.99 11.26
N ASP A 374 39.62 -47.13 11.69
CA ASP A 374 38.83 -46.28 10.83
C ASP A 374 39.53 -45.53 9.69
N TRP A 375 38.82 -45.42 8.57
CA TRP A 375 39.29 -44.69 7.41
C TRP A 375 38.70 -43.31 7.63
N VAL A 376 39.49 -42.28 7.37
CA VAL A 376 39.00 -40.93 7.59
C VAL A 376 39.26 -39.96 6.47
N LEU A 377 38.31 -39.06 6.31
CA LEU A 377 38.38 -38.00 5.31
C LEU A 377 39.01 -36.81 6.02
N VAL A 378 40.24 -36.48 5.64
CA VAL A 378 40.95 -35.38 6.27
C VAL A 378 40.99 -34.11 5.40
N HIS A 379 40.77 -32.96 6.02
CA HIS A 379 40.78 -31.68 5.31
C HIS A 379 41.61 -30.64 6.06
N LYS A 380 41.46 -29.37 5.68
CA LYS A 380 42.19 -28.30 6.36
C LYS A 380 41.19 -27.28 6.90
N ALA A 381 41.02 -27.25 8.22
CA ALA A 381 40.10 -26.32 8.87
C ALA A 381 40.63 -24.92 8.73
N GLY A 382 39.88 -24.07 8.05
CA GLY A 382 40.35 -22.71 7.82
C GLY A 382 41.38 -22.78 6.71
N GLY A 383 41.57 -23.99 6.19
CA GLY A 383 42.53 -24.22 5.13
C GLY A 383 43.92 -23.96 5.66
N VAL A 384 44.15 -24.37 6.91
CA VAL A 384 45.45 -24.16 7.52
C VAL A 384 45.82 -25.27 8.51
N ILE A 385 44.82 -25.84 9.19
CA ILE A 385 45.09 -26.90 10.15
C ILE A 385 44.38 -28.21 9.82
N PRO A 386 45.13 -29.21 9.35
CA PRO A 386 44.53 -30.51 9.00
C PRO A 386 43.85 -31.14 10.19
N GLU A 387 42.73 -31.82 9.93
CA GLU A 387 41.99 -32.49 10.98
C GLU A 387 40.99 -33.42 10.32
N VAL A 388 40.76 -34.58 10.92
CA VAL A 388 39.81 -35.54 10.35
C VAL A 388 38.42 -34.92 10.25
N LEU A 389 38.04 -34.57 9.03
CA LEU A 389 36.76 -33.95 8.71
C LEU A 389 35.58 -34.86 9.06
N ARG A 390 35.75 -36.16 8.85
CA ARG A 390 34.73 -37.13 9.18
C ARG A 390 35.22 -38.53 8.86
N VAL A 391 34.65 -39.52 9.55
CA VAL A 391 35.05 -40.92 9.35
C VAL A 391 34.18 -41.63 8.31
N LEU A 392 34.81 -42.50 7.53
CA LEU A 392 34.11 -43.28 6.51
C LEU A 392 33.61 -44.56 7.17
N LYS A 393 32.56 -44.41 7.98
CA LYS A 393 31.96 -45.50 8.75
C LYS A 393 31.72 -46.86 8.09
N GLU A 394 30.90 -46.89 7.03
CA GLU A 394 30.57 -48.15 6.35
C GLU A 394 31.77 -49.03 6.06
N ARG A 395 32.91 -48.41 5.79
CA ARG A 395 34.12 -49.16 5.47
C ARG A 395 34.74 -49.79 6.71
N ARG A 396 34.05 -49.68 7.84
CA ARG A 396 34.55 -50.23 9.09
C ARG A 396 34.61 -51.75 9.11
N THR A 397 35.83 -52.26 9.27
CA THR A 397 36.09 -53.70 9.33
C THR A 397 35.48 -54.25 10.62
N GLY A 398 34.95 -53.36 11.44
CA GLY A 398 34.35 -53.77 12.70
C GLY A 398 35.38 -54.18 13.73
N GLU A 399 36.65 -54.05 13.40
CA GLU A 399 37.71 -54.43 14.33
C GLU A 399 38.48 -53.21 14.82
N GLU A 400 37.94 -52.02 14.54
CA GLU A 400 38.59 -50.79 14.96
C GLU A 400 38.52 -50.69 16.48
N ARG A 401 39.53 -50.08 17.07
CA ARG A 401 39.58 -49.91 18.52
C ARG A 401 39.19 -48.48 18.90
N PRO A 402 38.48 -48.32 20.02
CA PRO A 402 38.02 -47.02 20.50
C PRO A 402 39.15 -46.25 21.19
N ILE A 403 39.18 -44.93 20.99
CA ILE A 403 40.22 -44.11 21.59
C ILE A 403 40.01 -43.92 23.10
N ARG A 404 41.00 -44.36 23.87
CA ARG A 404 40.97 -44.25 25.32
C ARG A 404 42.24 -43.56 25.82
N TRP A 405 42.09 -42.61 26.73
CA TRP A 405 43.23 -41.91 27.29
C TRP A 405 44.03 -42.88 28.15
N PRO A 406 45.29 -42.53 28.44
CA PRO A 406 46.07 -43.46 29.27
C PRO A 406 45.82 -43.28 30.76
N GLU A 407 46.10 -44.31 31.54
CA GLU A 407 45.94 -44.26 33.00
C GLU A 407 46.79 -43.11 33.53
N THR A 408 48.04 -43.08 33.08
CA THR A 408 48.98 -42.08 33.53
C THR A 408 49.34 -40.99 32.54
N CYS A 409 50.01 -39.98 33.07
CA CYS A 409 50.50 -38.90 32.27
C CYS A 409 51.83 -39.43 31.74
N PRO A 410 52.04 -39.33 30.41
CA PRO A 410 53.25 -39.80 29.74
C PRO A 410 54.45 -38.91 29.97
N GLU A 411 54.23 -37.79 30.65
CA GLU A 411 55.32 -36.86 30.90
C GLU A 411 55.77 -36.67 32.34
N CYS A 412 55.31 -37.51 33.26
CA CYS A 412 55.70 -37.37 34.67
C CYS A 412 55.28 -38.60 35.46
N GLY A 413 54.44 -39.41 34.84
CA GLY A 413 53.97 -40.65 35.44
C GLY A 413 52.81 -40.56 36.41
N HIS A 414 52.41 -39.35 36.78
CA HIS A 414 51.32 -39.18 37.72
C HIS A 414 50.02 -39.71 37.14
N ARG A 415 49.19 -40.35 37.98
CA ARG A 415 47.89 -40.86 37.51
C ARG A 415 47.08 -39.68 37.00
N LEU A 416 46.33 -39.92 35.94
CA LEU A 416 45.52 -38.86 35.35
C LEU A 416 44.21 -38.58 36.09
N VAL A 417 43.61 -37.45 35.75
CA VAL A 417 42.37 -37.08 36.40
C VAL A 417 41.45 -36.35 35.44
N LYS A 418 40.17 -36.73 35.38
CA LYS A 418 39.26 -36.05 34.47
C LYS A 418 38.60 -34.83 35.13
N GLU A 419 39.20 -33.67 34.93
CA GLU A 419 38.71 -32.41 35.49
C GLU A 419 37.74 -31.75 34.52
N GLY A 420 36.54 -32.30 34.46
CA GLY A 420 35.52 -31.76 33.58
C GLY A 420 35.24 -32.60 32.35
N LYS A 421 35.41 -31.97 31.18
CA LYS A 421 35.13 -32.64 29.94
C LYS A 421 36.42 -33.15 29.27
N VAL A 422 37.56 -32.78 29.82
CA VAL A 422 38.85 -33.19 29.27
C VAL A 422 39.78 -33.81 30.30
N HIS A 423 40.59 -34.78 29.88
CA HIS A 423 41.56 -35.43 30.78
C HIS A 423 42.78 -34.54 30.99
N ARG A 424 43.31 -34.52 32.21
CA ARG A 424 44.50 -33.72 32.48
C ARG A 424 45.33 -34.27 33.61
N CYS A 425 46.49 -33.66 33.83
CA CYS A 425 47.42 -34.09 34.87
C CYS A 425 47.41 -33.15 36.07
N PRO A 426 46.96 -33.66 37.23
CA PRO A 426 46.86 -32.91 38.47
C PRO A 426 48.21 -32.55 39.07
N ASN A 427 49.22 -33.34 38.72
CA ASN A 427 50.57 -33.15 39.26
C ASN A 427 50.91 -31.69 39.29
N PRO A 428 51.26 -31.19 40.47
CA PRO A 428 51.60 -29.77 40.59
C PRO A 428 52.95 -29.50 39.95
N LEU A 429 53.76 -30.55 39.88
CA LEU A 429 55.12 -30.46 39.35
C LEU A 429 55.40 -31.09 37.97
N CYS A 430 54.40 -31.69 37.33
CA CYS A 430 54.60 -32.29 36.01
C CYS A 430 55.46 -31.31 35.18
N PRO A 431 56.54 -31.80 34.54
CA PRO A 431 57.38 -30.88 33.77
C PRO A 431 56.68 -30.14 32.65
N ALA A 432 55.62 -30.74 32.11
CA ALA A 432 54.86 -30.11 31.03
C ALA A 432 54.14 -28.82 31.43
N LYS A 433 54.01 -28.58 32.74
CA LYS A 433 53.29 -27.41 33.25
C LYS A 433 54.16 -26.35 33.92
N ARG A 434 55.47 -26.56 33.94
CA ARG A 434 56.36 -25.60 34.58
C ARG A 434 56.17 -24.16 34.13
N PHE A 435 56.36 -23.86 32.86
CA PHE A 435 56.20 -22.48 32.42
C PHE A 435 54.90 -21.83 32.91
N GLU A 436 53.76 -22.48 32.66
CA GLU A 436 52.49 -21.91 33.09
C GLU A 436 52.49 -21.66 34.60
N ALA A 437 52.97 -22.65 35.36
CA ALA A 437 53.04 -22.54 36.80
C ALA A 437 53.86 -21.31 37.20
N ILE A 438 55.14 -21.29 36.83
CA ILE A 438 55.99 -20.16 37.19
C ILE A 438 55.35 -18.82 36.87
N ARG A 439 54.69 -18.72 35.72
CA ARG A 439 54.09 -17.46 35.33
C ARG A 439 52.88 -17.10 36.18
N HIS A 440 51.93 -18.03 36.28
CA HIS A 440 50.72 -17.78 37.06
C HIS A 440 51.10 -17.29 38.45
N TYR A 441 52.06 -17.96 39.05
CA TYR A 441 52.54 -17.62 40.38
C TYR A 441 53.14 -16.21 40.42
N ALA A 442 53.74 -15.80 39.31
CA ALA A 442 54.40 -14.50 39.20
C ALA A 442 53.51 -13.31 38.85
N SER A 443 52.28 -13.59 38.43
CA SER A 443 51.34 -12.54 38.05
C SER A 443 50.97 -11.69 39.26
N ARG A 444 50.68 -10.42 39.03
CA ARG A 444 50.30 -9.52 40.10
C ARG A 444 49.10 -10.07 40.87
N LYS A 445 48.20 -10.75 40.19
CA LYS A 445 47.06 -11.34 40.88
C LYS A 445 47.59 -12.38 41.86
N ALA A 446 48.72 -12.99 41.51
CA ALA A 446 49.36 -14.00 42.35
C ALA A 446 50.35 -13.35 43.30
N MET A 447 51.55 -13.92 43.36
CA MET A 447 52.62 -13.42 44.23
C MET A 447 53.34 -12.21 43.63
N ASP A 448 52.70 -11.58 42.64
CA ASP A 448 53.23 -10.39 41.99
C ASP A 448 54.76 -10.31 41.90
N ILE A 449 55.30 -10.74 40.76
CA ILE A 449 56.74 -10.67 40.51
C ILE A 449 56.86 -10.08 39.12
N GLU A 450 56.96 -8.76 39.05
CA GLU A 450 57.05 -8.04 37.78
C GLU A 450 58.28 -8.34 36.91
N GLY A 451 59.39 -8.71 37.53
CA GLY A 451 60.60 -8.98 36.79
C GLY A 451 60.51 -10.17 35.85
N LEU A 452 59.96 -11.27 36.35
CA LEU A 452 59.82 -12.49 35.56
C LEU A 452 59.04 -12.30 34.27
N GLY A 453 59.74 -11.84 33.23
CA GLY A 453 59.10 -11.67 31.94
C GLY A 453 58.91 -13.05 31.34
N GLU A 454 57.90 -13.19 30.50
CA GLU A 454 57.60 -14.47 29.89
C GLU A 454 58.84 -15.10 29.24
N LYS A 455 59.78 -14.25 28.83
CA LYS A 455 60.99 -14.73 28.19
C LYS A 455 62.01 -15.23 29.21
N LEU A 456 62.11 -14.52 30.34
CA LEU A 456 63.06 -14.90 31.39
C LEU A 456 62.66 -16.22 32.02
N ILE A 457 61.36 -16.45 32.11
CA ILE A 457 60.86 -17.69 32.71
C ILE A 457 61.22 -18.89 31.85
N GLU A 458 61.20 -18.71 30.53
CA GLU A 458 61.55 -19.82 29.65
C GLU A 458 63.07 -19.89 29.46
N ARG A 459 63.76 -18.80 29.82
CA ARG A 459 65.21 -18.73 29.72
C ARG A 459 65.80 -19.37 30.99
N LEU A 460 65.14 -19.11 32.11
CA LEU A 460 65.54 -19.65 33.40
C LEU A 460 65.14 -21.12 33.45
N LEU A 461 64.13 -21.46 32.65
CA LEU A 461 63.64 -22.83 32.59
C LEU A 461 64.51 -23.69 31.68
N GLU A 462 65.00 -23.10 30.60
CA GLU A 462 65.84 -23.82 29.64
C GLU A 462 67.27 -23.97 30.16
N LYS A 463 67.78 -22.93 30.81
CA LYS A 463 69.13 -22.94 31.35
C LYS A 463 69.23 -23.77 32.65
N GLY A 464 68.11 -24.32 33.09
CA GLY A 464 68.08 -25.15 34.29
C GLY A 464 68.12 -24.50 35.67
N LEU A 465 68.16 -23.18 35.73
CA LEU A 465 68.20 -22.48 37.01
C LEU A 465 66.94 -22.64 37.84
N VAL A 466 65.83 -22.91 37.16
CA VAL A 466 64.53 -23.08 37.80
C VAL A 466 63.86 -24.36 37.31
N ARG A 467 62.92 -24.87 38.09
CA ARG A 467 62.20 -26.09 37.74
C ARG A 467 60.75 -25.96 38.17
N ASP A 468 60.54 -25.18 39.22
CA ASP A 468 59.21 -24.95 39.78
C ASP A 468 59.24 -23.65 40.58
N VAL A 469 58.11 -23.32 41.18
CA VAL A 469 57.98 -22.09 41.95
C VAL A 469 58.99 -21.84 43.08
N ALA A 470 59.29 -22.85 43.87
CA ALA A 470 60.23 -22.67 44.96
C ALA A 470 61.58 -22.17 44.45
N ASP A 471 62.10 -22.81 43.42
CA ASP A 471 63.39 -22.45 42.85
C ASP A 471 63.63 -20.96 42.65
N LEU A 472 62.56 -20.17 42.56
CA LEU A 472 62.72 -18.74 42.37
C LEU A 472 63.52 -18.12 43.49
N TYR A 473 63.18 -18.51 44.72
CA TYR A 473 63.84 -17.99 45.90
C TYR A 473 65.27 -18.47 46.13
N HIS A 474 65.73 -19.45 45.37
CA HIS A 474 67.10 -19.94 45.52
C HIS A 474 67.96 -19.37 44.41
N LEU A 475 67.34 -18.47 43.65
CA LEU A 475 68.02 -17.79 42.56
C LEU A 475 68.80 -16.67 43.20
N ARG A 476 68.59 -16.49 44.51
CA ARG A 476 69.26 -15.44 45.30
C ARG A 476 70.57 -15.03 44.63
N LYS A 477 71.36 -16.03 44.27
CA LYS A 477 72.62 -15.77 43.61
C LYS A 477 72.37 -14.94 42.36
N GLU A 478 72.60 -13.63 42.48
CA GLU A 478 72.42 -12.70 41.37
C GLU A 478 73.40 -13.13 40.29
N ASP A 479 74.42 -13.87 40.72
CA ASP A 479 75.45 -14.39 39.84
C ASP A 479 74.74 -15.22 38.77
N LEU A 480 73.56 -15.70 39.14
CA LEU A 480 72.73 -16.52 38.25
C LEU A 480 71.99 -15.64 37.24
N LEU A 481 71.42 -14.55 37.72
CA LEU A 481 70.67 -13.63 36.87
C LEU A 481 71.55 -12.68 36.04
N GLY A 482 72.85 -12.95 36.03
CA GLY A 482 73.77 -12.11 35.28
C GLY A 482 74.37 -12.75 34.05
N LEU A 483 73.51 -13.19 33.13
CA LEU A 483 73.97 -13.82 31.89
C LEU A 483 72.86 -13.90 30.85
N GLU A 484 71.75 -13.23 31.12
CA GLU A 484 70.61 -13.24 30.20
C GLU A 484 70.07 -11.83 29.97
N ARG A 485 70.92 -10.94 29.47
CA ARG A 485 70.53 -9.56 29.19
C ARG A 485 70.49 -8.69 30.45
N MET A 486 70.69 -9.30 31.61
CA MET A 486 70.69 -8.54 32.84
C MET A 486 72.15 -8.38 33.29
N GLY A 487 72.37 -7.29 33.94
CA GLY A 487 73.61 -7.14 34.53
C GLY A 487 73.31 -7.30 35.98
N GLU A 488 73.51 -6.17 36.64
CA GLU A 488 73.34 -5.98 38.08
C GLU A 488 72.67 -4.66 38.33
N LYS A 489 72.15 -4.18 37.30
CA LYS A 489 71.36 -3.01 37.35
C LYS A 489 70.00 -3.55 37.23
N SER A 490 69.99 -4.71 36.58
CA SER A 490 68.74 -5.39 36.27
C SER A 490 68.49 -6.55 37.23
N ALA A 491 69.56 -7.18 37.69
CA ALA A 491 69.46 -8.31 38.60
C ALA A 491 68.92 -7.91 39.96
N GLN A 492 69.75 -7.20 40.73
CA GLN A 492 69.39 -6.75 42.08
C GLN A 492 67.93 -6.29 42.17
N ASN A 493 67.45 -5.68 41.10
CA ASN A 493 66.08 -5.19 41.08
C ASN A 493 65.07 -6.33 41.24
N LEU A 494 65.14 -7.32 40.34
CA LEU A 494 64.23 -8.46 40.40
C LEU A 494 64.46 -9.27 41.66
N LEU A 495 65.73 -9.40 42.02
CA LEU A 495 66.12 -10.17 43.21
C LEU A 495 65.33 -9.76 44.45
N ARG A 496 64.96 -8.48 44.55
CA ARG A 496 64.20 -8.02 45.71
C ARG A 496 62.72 -8.33 45.57
N GLN A 497 62.26 -8.56 44.35
CA GLN A 497 60.85 -8.87 44.15
C GLN A 497 60.61 -10.32 44.57
N ILE A 498 61.52 -11.21 44.20
CA ILE A 498 61.38 -12.61 44.58
C ILE A 498 61.47 -12.67 46.11
N GLU A 499 61.83 -11.54 46.71
CA GLU A 499 61.96 -11.43 48.16
C GLU A 499 60.67 -10.89 48.76
N GLU A 500 60.27 -9.72 48.30
CA GLU A 500 59.06 -9.07 48.79
C GLU A 500 57.82 -9.95 48.60
N SER A 501 57.83 -10.75 47.54
CA SER A 501 56.71 -11.63 47.24
C SER A 501 56.52 -12.66 48.34
N LYS A 502 57.59 -12.93 49.09
CA LYS A 502 57.53 -13.89 50.17
C LYS A 502 56.39 -13.54 51.13
N HIS A 503 56.12 -12.24 51.22
CA HIS A 503 55.11 -11.70 52.14
C HIS A 503 53.64 -11.67 51.74
N ARG A 504 53.32 -11.85 50.47
CA ARG A 504 51.92 -11.87 50.07
C ARG A 504 51.29 -12.96 50.95
N GLY A 505 50.07 -12.73 51.44
CA GLY A 505 49.45 -13.71 52.30
C GLY A 505 48.85 -14.97 51.71
N LEU A 506 48.56 -15.93 52.58
CA LEU A 506 47.97 -17.23 52.22
C LEU A 506 46.90 -17.11 51.12
N GLU A 507 46.08 -16.08 51.18
CA GLU A 507 45.04 -15.89 50.17
C GLU A 507 45.74 -15.89 48.82
N ARG A 508 46.44 -14.81 48.52
CA ARG A 508 47.17 -14.67 47.28
C ARG A 508 48.09 -15.85 46.98
N LEU A 509 48.54 -16.54 48.01
CA LEU A 509 49.44 -17.68 47.85
C LEU A 509 48.69 -18.88 47.29
N LEU A 510 47.46 -19.07 47.77
CA LEU A 510 46.62 -20.18 47.30
C LEU A 510 46.26 -19.98 45.84
N TYR A 511 46.07 -18.73 45.46
CA TYR A 511 45.73 -18.40 44.10
C TYR A 511 46.91 -18.65 43.16
N ALA A 512 48.13 -18.40 43.65
CA ALA A 512 49.34 -18.58 42.84
C ALA A 512 49.65 -20.04 42.48
N LEU A 513 49.45 -20.97 43.42
CA LEU A 513 49.72 -22.38 43.15
C LEU A 513 48.62 -23.07 42.33
N GLY A 514 47.80 -22.29 41.64
CA GLY A 514 46.73 -22.85 40.83
C GLY A 514 46.12 -24.19 41.26
N LEU A 515 45.26 -24.19 42.28
CA LEU A 515 44.63 -25.44 42.70
C LEU A 515 43.35 -25.64 41.87
N PRO A 516 42.90 -26.89 41.72
CA PRO A 516 41.68 -27.14 40.93
C PRO A 516 40.44 -26.39 41.32
N GLY A 517 40.22 -25.27 40.67
CA GLY A 517 39.03 -24.48 40.94
C GLY A 517 39.25 -23.28 41.82
N VAL A 518 40.23 -23.36 42.71
CA VAL A 518 40.48 -22.25 43.62
C VAL A 518 40.77 -20.94 42.87
N GLY A 519 39.72 -20.19 42.60
CA GLY A 519 39.86 -18.92 41.92
C GLY A 519 40.28 -17.83 42.90
N GLU A 520 40.56 -16.64 42.39
CA GLU A 520 40.98 -15.54 43.25
C GLU A 520 40.06 -15.37 44.45
N VAL A 521 38.76 -15.59 44.25
CA VAL A 521 37.80 -15.45 45.33
C VAL A 521 37.73 -16.72 46.16
N LEU A 522 37.68 -17.86 45.48
CA LEU A 522 37.61 -19.18 46.13
C LEU A 522 38.85 -19.39 47.01
N ALA A 523 39.94 -18.70 46.65
CA ALA A 523 41.20 -18.78 47.38
C ALA A 523 41.11 -18.01 48.69
N ARG A 524 40.74 -16.74 48.60
CA ARG A 524 40.61 -15.91 49.78
C ARG A 524 39.63 -16.58 50.74
N ASN A 525 38.48 -16.98 50.22
CA ASN A 525 37.48 -17.65 51.04
C ASN A 525 38.04 -18.92 51.65
N LEU A 526 39.23 -19.28 51.22
CA LEU A 526 39.87 -20.50 51.72
C LEU A 526 40.89 -20.16 52.81
N ALA A 527 41.63 -19.09 52.59
CA ALA A 527 42.65 -18.65 53.52
C ALA A 527 42.02 -18.16 54.83
N ARG A 528 40.94 -17.39 54.70
CA ARG A 528 40.24 -16.87 55.87
C ARG A 528 39.78 -18.01 56.77
N ARG A 529 39.29 -19.09 56.15
CA ARG A 529 38.77 -20.24 56.89
C ARG A 529 39.82 -21.20 57.46
N PHE A 530 41.11 -20.96 57.18
CA PHE A 530 42.13 -21.85 57.72
C PHE A 530 43.35 -21.13 58.28
N GLY A 531 43.47 -19.85 57.98
CA GLY A 531 44.59 -19.08 58.50
C GLY A 531 45.97 -19.49 58.03
N THR A 532 46.19 -20.79 57.89
CA THR A 532 47.51 -21.27 57.45
C THR A 532 47.48 -22.53 56.61
N MET A 533 48.47 -22.62 55.71
CA MET A 533 48.63 -23.77 54.84
C MET A 533 48.51 -25.02 55.69
N ASP A 534 49.29 -25.09 56.77
CA ASP A 534 49.26 -26.26 57.66
C ASP A 534 47.81 -26.66 57.95
N ARG A 535 47.06 -25.74 58.52
CA ARG A 535 45.66 -26.02 58.84
C ARG A 535 44.96 -26.60 57.62
N LEU A 536 44.91 -25.81 56.55
CA LEU A 536 44.27 -26.24 55.30
C LEU A 536 44.72 -27.64 54.88
N LEU A 537 46.02 -27.88 54.91
CA LEU A 537 46.58 -29.19 54.55
C LEU A 537 45.96 -30.30 55.38
N GLU A 538 45.31 -29.93 56.48
CA GLU A 538 44.68 -30.91 57.36
C GLU A 538 43.16 -30.76 57.26
N ALA A 539 42.73 -30.00 56.25
CA ALA A 539 41.30 -29.78 56.01
C ALA A 539 40.60 -31.09 55.74
N SER A 540 39.29 -31.11 55.94
CA SER A 540 38.52 -32.32 55.68
C SER A 540 37.52 -32.02 54.58
N LEU A 541 36.93 -33.07 54.01
CA LEU A 541 35.96 -32.91 52.94
C LEU A 541 34.89 -31.94 53.43
N GLU A 542 34.25 -32.30 54.53
CA GLU A 542 33.23 -31.50 55.16
C GLU A 542 33.73 -30.06 55.33
N GLU A 543 34.81 -29.89 56.09
CA GLU A 543 35.36 -28.56 56.31
C GLU A 543 35.48 -27.76 55.03
N LEU A 544 35.83 -28.44 53.93
CA LEU A 544 35.97 -27.76 52.64
C LEU A 544 34.63 -27.38 52.03
N LEU A 545 33.67 -28.29 52.02
CA LEU A 545 32.34 -27.97 51.47
C LEU A 545 31.78 -26.72 52.14
N GLU A 546 31.79 -26.72 53.47
CA GLU A 546 31.27 -25.63 54.28
C GLU A 546 31.75 -24.25 53.81
N VAL A 547 32.62 -24.21 52.81
CA VAL A 547 33.12 -22.92 52.35
C VAL A 547 32.31 -22.33 51.21
N GLU A 548 32.22 -21.00 51.22
CA GLU A 548 31.48 -20.21 50.24
C GLU A 548 31.90 -20.42 48.78
N GLU A 549 31.08 -21.16 48.04
CA GLU A 549 31.30 -21.44 46.62
C GLU A 549 32.13 -22.69 46.34
N VAL A 550 32.44 -23.44 47.38
CA VAL A 550 33.18 -24.66 47.20
C VAL A 550 32.15 -25.78 47.09
N GLY A 551 32.01 -26.33 45.90
CA GLY A 551 31.06 -27.40 45.69
C GLY A 551 31.67 -28.77 45.95
N GLU A 552 30.82 -29.77 46.13
CA GLU A 552 31.29 -31.13 46.39
C GLU A 552 32.31 -31.59 45.36
N LEU A 553 32.10 -31.23 44.10
CA LEU A 553 33.01 -31.65 43.04
C LEU A 553 34.40 -31.02 43.16
N THR A 554 34.45 -29.74 43.52
CA THR A 554 35.75 -29.10 43.67
C THR A 554 36.36 -29.42 45.03
N ALA A 555 35.52 -29.62 46.03
CA ALA A 555 36.02 -29.94 47.37
C ALA A 555 36.85 -31.21 47.32
N ARG A 556 36.25 -32.26 46.79
CA ARG A 556 36.91 -33.55 46.67
C ARG A 556 38.14 -33.51 45.78
N ALA A 557 38.27 -32.43 45.00
CA ALA A 557 39.41 -32.25 44.12
C ALA A 557 40.55 -31.66 44.93
N ILE A 558 40.31 -30.46 45.46
CA ILE A 558 41.27 -29.77 46.30
C ILE A 558 41.80 -30.75 47.33
N LEU A 559 40.89 -31.58 47.82
CA LEU A 559 41.25 -32.56 48.80
C LEU A 559 42.32 -33.52 48.31
N GLU A 560 42.32 -33.83 47.02
CA GLU A 560 43.31 -34.78 46.53
C GLU A 560 44.65 -34.14 46.19
N THR A 561 44.62 -32.90 45.70
CA THR A 561 45.85 -32.18 45.40
C THR A 561 46.57 -32.02 46.72
N LEU A 562 45.89 -31.44 47.70
CA LEU A 562 46.50 -31.20 49.00
C LEU A 562 47.23 -32.44 49.53
N LYS A 563 46.66 -33.62 49.33
CA LYS A 563 47.31 -34.82 49.84
C LYS A 563 48.44 -35.30 48.94
N ASP A 564 48.46 -34.83 47.70
CA ASP A 564 49.50 -35.24 46.76
C ASP A 564 50.89 -34.94 47.29
N PRO A 565 51.76 -35.96 47.33
CA PRO A 565 53.13 -35.73 47.83
C PRO A 565 53.84 -34.60 47.07
N ALA A 566 53.65 -34.52 45.76
CA ALA A 566 54.30 -33.45 45.01
C ALA A 566 53.89 -32.10 45.56
N PHE A 567 52.58 -31.89 45.77
CA PHE A 567 52.09 -30.61 46.28
C PHE A 567 52.75 -30.36 47.61
N ARG A 568 52.67 -31.35 48.51
CA ARG A 568 53.27 -31.24 49.83
C ARG A 568 54.69 -30.73 49.65
N ASP A 569 55.47 -31.51 48.92
CA ASP A 569 56.84 -31.18 48.62
C ASP A 569 57.01 -29.72 48.20
N LEU A 570 56.32 -29.31 47.13
CA LEU A 570 56.41 -27.93 46.65
C LEU A 570 56.12 -26.89 47.75
N VAL A 571 55.11 -27.15 48.56
CA VAL A 571 54.73 -26.24 49.62
C VAL A 571 55.84 -26.12 50.66
N ARG A 572 56.27 -27.27 51.18
CA ARG A 572 57.32 -27.28 52.20
C ARG A 572 58.50 -26.43 51.73
N ARG A 573 59.08 -26.81 50.58
CA ARG A 573 60.22 -26.08 50.02
C ARG A 573 59.96 -24.58 49.91
N LEU A 574 58.70 -24.17 49.81
CA LEU A 574 58.40 -22.74 49.72
C LEU A 574 58.42 -22.12 51.11
N LYS A 575 57.85 -22.83 52.08
CA LYS A 575 57.81 -22.34 53.45
C LYS A 575 59.24 -22.18 53.92
N GLU A 576 60.02 -23.26 53.76
CA GLU A 576 61.42 -23.29 54.17
C GLU A 576 62.28 -22.26 53.47
N ALA A 577 61.66 -21.36 52.71
CA ALA A 577 62.40 -20.30 52.03
C ALA A 577 61.87 -18.97 52.53
N GLY A 578 60.95 -19.05 53.49
CA GLY A 578 60.40 -17.83 54.07
C GLY A 578 59.12 -17.29 53.47
N VAL A 579 58.46 -18.08 52.63
CA VAL A 579 57.21 -17.62 52.03
C VAL A 579 56.15 -17.77 53.14
N SER A 580 55.53 -16.66 53.52
CA SER A 580 54.53 -16.73 54.59
C SER A 580 53.36 -17.61 54.21
N MET A 581 52.94 -18.46 55.15
CA MET A 581 51.83 -19.39 54.93
C MET A 581 50.59 -19.04 55.76
N GLU A 582 50.45 -17.76 56.12
CA GLU A 582 49.31 -17.31 56.91
C GLU A 582 48.51 -16.24 56.17
N SER A 583 47.33 -15.92 56.69
CA SER A 583 46.50 -14.90 56.06
C SER A 583 47.13 -13.54 56.30
N LYS A 584 47.25 -12.73 55.24
CA LYS A 584 47.85 -11.41 55.35
C LYS A 584 46.91 -10.42 56.02
N MET B 1 -6.51 -18.14 -9.38
CA MET B 1 -5.98 -16.92 -10.02
C MET B 1 -5.37 -15.99 -8.99
N THR B 2 -4.62 -14.99 -9.46
CA THR B 2 -3.99 -14.05 -8.54
C THR B 2 -5.02 -13.03 -8.06
N ARG B 3 -4.65 -12.24 -7.07
CA ARG B 3 -5.55 -11.23 -6.53
C ARG B 3 -5.82 -10.21 -7.61
N GLU B 4 -4.75 -9.81 -8.28
CA GLU B 4 -4.79 -8.80 -9.33
C GLU B 4 -5.68 -9.25 -10.48
N GLU B 5 -5.76 -10.56 -10.70
CA GLU B 5 -6.59 -11.13 -11.75
C GLU B 5 -8.04 -11.22 -11.30
N ALA B 6 -8.22 -11.52 -10.01
CA ALA B 6 -9.55 -11.62 -9.43
C ALA B 6 -10.18 -10.24 -9.56
N ARG B 7 -9.58 -9.27 -8.87
CA ARG B 7 -10.06 -7.88 -8.90
C ARG B 7 -10.47 -7.52 -10.31
N ARG B 8 -9.50 -7.54 -11.21
CA ARG B 8 -9.71 -7.21 -12.60
C ARG B 8 -10.87 -7.97 -13.25
N ARG B 9 -11.03 -9.25 -12.87
CA ARG B 9 -12.12 -10.05 -13.43
C ARG B 9 -13.46 -9.59 -12.86
N ILE B 10 -13.45 -9.20 -11.58
CA ILE B 10 -14.66 -8.73 -10.92
C ILE B 10 -15.15 -7.42 -11.57
N ASN B 11 -14.26 -6.44 -11.72
CA ASN B 11 -14.65 -5.17 -12.35
C ASN B 11 -15.42 -5.43 -13.64
N GLU B 12 -14.92 -6.37 -14.44
CA GLU B 12 -15.54 -6.71 -15.71
C GLU B 12 -16.90 -7.41 -15.60
N LEU B 13 -17.02 -8.37 -14.69
CA LEU B 13 -18.29 -9.06 -14.51
C LEU B 13 -19.41 -8.11 -14.06
N ARG B 14 -19.10 -7.19 -13.15
CA ARG B 14 -20.09 -6.22 -12.67
C ARG B 14 -20.59 -5.37 -13.81
N ASP B 15 -19.67 -4.62 -14.39
CA ASP B 15 -19.99 -3.75 -15.51
C ASP B 15 -20.85 -4.50 -16.54
N LEU B 16 -20.48 -5.75 -16.82
CA LEU B 16 -21.24 -6.53 -17.78
C LEU B 16 -22.67 -6.68 -17.31
N ILE B 17 -22.82 -7.24 -16.10
CA ILE B 17 -24.13 -7.47 -15.49
C ILE B 17 -24.96 -6.19 -15.39
N ARG B 18 -24.29 -5.08 -15.16
CA ARG B 18 -24.97 -3.80 -15.06
C ARG B 18 -25.50 -3.40 -16.42
N TYR B 19 -24.62 -3.44 -17.43
CA TYR B 19 -24.97 -3.08 -18.79
C TYR B 19 -26.17 -3.86 -19.30
N HIS B 20 -26.05 -5.18 -19.30
CA HIS B 20 -27.13 -6.03 -19.80
C HIS B 20 -28.39 -5.94 -18.94
N ASN B 21 -28.24 -5.57 -17.66
CA ASN B 21 -29.42 -5.42 -16.81
C ASN B 21 -30.15 -4.19 -17.34
N TYR B 22 -29.38 -3.22 -17.84
CA TYR B 22 -29.88 -1.98 -18.41
C TYR B 22 -30.56 -2.21 -19.76
N ARG B 23 -29.92 -3.02 -20.59
CA ARG B 23 -30.49 -3.32 -21.90
C ARG B 23 -31.82 -3.99 -21.65
N TYR B 24 -31.91 -4.72 -20.54
CA TYR B 24 -33.13 -5.43 -20.21
C TYR B 24 -34.26 -4.55 -19.70
N TYR B 25 -34.21 -4.17 -18.44
CA TYR B 25 -35.27 -3.39 -17.85
C TYR B 25 -35.40 -1.93 -18.28
N VAL B 26 -34.36 -1.36 -18.88
CA VAL B 26 -34.45 0.03 -19.32
C VAL B 26 -34.68 0.14 -20.82
N LEU B 27 -34.00 -0.71 -21.59
CA LEU B 27 -34.15 -0.70 -23.04
C LEU B 27 -35.05 -1.80 -23.58
N ALA B 28 -35.01 -2.98 -22.94
CA ALA B 28 -35.80 -4.11 -23.40
C ALA B 28 -35.27 -4.47 -24.78
N ASP B 29 -33.96 -4.66 -24.87
CA ASP B 29 -33.30 -4.97 -26.13
C ASP B 29 -32.04 -5.78 -25.83
N PRO B 30 -32.17 -6.84 -25.02
CA PRO B 30 -31.08 -7.73 -24.62
C PRO B 30 -30.05 -8.09 -25.69
N GLU B 31 -28.89 -8.55 -25.23
CA GLU B 31 -27.82 -8.97 -26.12
C GLU B 31 -27.42 -10.41 -25.78
N ILE B 32 -27.72 -10.81 -24.55
CA ILE B 32 -27.40 -12.15 -24.08
C ILE B 32 -28.62 -12.85 -23.47
N SER B 33 -28.54 -14.18 -23.38
CA SER B 33 -29.63 -14.99 -22.85
C SER B 33 -29.90 -14.74 -21.37
N ASP B 34 -31.16 -14.91 -20.98
CA ASP B 34 -31.60 -14.72 -19.61
C ASP B 34 -30.82 -15.67 -18.69
N ALA B 35 -30.15 -16.64 -19.30
CA ALA B 35 -29.36 -17.60 -18.55
C ALA B 35 -27.91 -17.11 -18.46
N GLU B 36 -27.44 -16.46 -19.51
CA GLU B 36 -26.08 -15.92 -19.53
C GLU B 36 -25.95 -14.89 -18.42
N TYR B 37 -27.04 -14.20 -18.13
CA TYR B 37 -27.08 -13.20 -17.07
C TYR B 37 -26.81 -13.92 -15.76
N ASP B 38 -27.71 -14.83 -15.40
CA ASP B 38 -27.56 -15.60 -14.18
C ASP B 38 -26.20 -16.25 -14.13
N ARG B 39 -25.66 -16.55 -15.32
CA ARG B 39 -24.35 -17.17 -15.41
C ARG B 39 -23.28 -16.15 -15.06
N LEU B 40 -23.55 -14.89 -15.36
CA LEU B 40 -22.61 -13.81 -15.07
C LEU B 40 -22.61 -13.55 -13.56
N LEU B 41 -23.79 -13.55 -12.96
CA LEU B 41 -23.93 -13.32 -11.52
C LEU B 41 -23.36 -14.49 -10.72
N ARG B 42 -23.51 -15.72 -11.22
CA ARG B 42 -22.97 -16.87 -10.53
C ARG B 42 -21.47 -16.66 -10.45
N GLU B 43 -20.87 -16.34 -11.59
CA GLU B 43 -19.43 -16.12 -11.66
C GLU B 43 -18.97 -15.00 -10.73
N LEU B 44 -19.68 -13.87 -10.77
CA LEU B 44 -19.34 -12.72 -9.95
C LEU B 44 -19.21 -13.14 -8.48
N LYS B 45 -20.31 -13.64 -7.92
CA LYS B 45 -20.38 -14.09 -6.52
C LYS B 45 -19.34 -15.16 -6.19
N GLU B 46 -19.07 -16.03 -7.15
CA GLU B 46 -18.08 -17.10 -6.98
C GLU B 46 -16.72 -16.50 -6.62
N LEU B 47 -16.27 -15.54 -7.43
CA LEU B 47 -14.99 -14.90 -7.19
C LEU B 47 -15.09 -13.96 -6.01
N GLU B 48 -16.17 -13.20 -5.95
CA GLU B 48 -16.34 -12.26 -4.84
C GLU B 48 -16.25 -13.02 -3.53
N GLU B 49 -16.74 -14.25 -3.53
CA GLU B 49 -16.71 -15.05 -2.33
C GLU B 49 -15.32 -15.57 -2.01
N ARG B 50 -14.59 -16.06 -3.01
CA ARG B 50 -13.25 -16.57 -2.70
C ARG B 50 -12.20 -15.48 -2.56
N PHE B 51 -12.61 -14.24 -2.83
CA PHE B 51 -11.74 -13.07 -2.68
C PHE B 51 -12.55 -11.99 -1.98
N PRO B 52 -12.85 -12.20 -0.69
CA PRO B 52 -13.61 -11.28 0.17
C PRO B 52 -13.23 -9.80 0.09
N GLU B 53 -11.95 -9.51 -0.15
CA GLU B 53 -11.51 -8.12 -0.18
C GLU B 53 -12.19 -7.28 -1.26
N PHE B 54 -12.59 -7.89 -2.37
CA PHE B 54 -13.23 -7.11 -3.44
C PHE B 54 -14.74 -7.13 -3.38
N LYS B 55 -15.31 -7.50 -2.24
CA LYS B 55 -16.76 -7.48 -2.17
C LYS B 55 -17.12 -6.00 -2.12
N SER B 56 -18.40 -5.69 -2.20
CA SER B 56 -18.82 -4.30 -2.19
C SER B 56 -20.32 -4.14 -2.35
N PRO B 57 -20.88 -3.11 -1.72
CA PRO B 57 -22.30 -2.78 -1.77
C PRO B 57 -22.77 -2.31 -3.14
N ASP B 58 -21.84 -2.00 -4.05
CA ASP B 58 -22.17 -1.53 -5.40
C ASP B 58 -22.38 -2.70 -6.37
N SER B 59 -22.01 -3.90 -5.93
CA SER B 59 -22.13 -5.10 -6.75
C SER B 59 -23.54 -5.61 -6.94
N PRO B 60 -23.86 -6.08 -8.16
CA PRO B 60 -25.20 -6.60 -8.42
C PRO B 60 -25.63 -7.65 -7.40
N THR B 61 -24.68 -8.24 -6.69
CA THR B 61 -25.01 -9.27 -5.71
C THR B 61 -25.63 -8.71 -4.42
N GLU B 62 -25.42 -7.42 -4.17
CA GLU B 62 -25.97 -6.80 -2.98
C GLU B 62 -27.48 -6.65 -3.01
N GLN B 63 -28.04 -6.54 -4.21
CA GLN B 63 -29.49 -6.36 -4.33
C GLN B 63 -30.21 -7.42 -5.12
N VAL B 64 -29.54 -8.54 -5.36
CA VAL B 64 -30.11 -9.65 -6.11
C VAL B 64 -31.64 -9.63 -6.35
N GLY B 65 -32.04 -9.97 -7.57
CA GLY B 65 -33.46 -9.99 -7.93
C GLY B 65 -33.75 -9.80 -9.41
N ALA B 66 -34.81 -10.44 -9.91
CA ALA B 66 -35.19 -10.30 -11.31
C ALA B 66 -35.85 -8.93 -11.44
N ARG B 67 -35.38 -8.00 -10.63
CA ARG B 67 -35.89 -6.63 -10.58
C ARG B 67 -34.88 -5.70 -11.26
N PRO B 68 -35.29 -4.48 -11.65
CA PRO B 68 -34.33 -3.59 -12.29
C PRO B 68 -33.28 -3.12 -11.27
N LEU B 69 -32.00 -3.28 -11.60
CA LEU B 69 -30.96 -2.84 -10.67
C LEU B 69 -31.16 -1.37 -10.36
N GLU B 70 -31.01 -1.03 -9.08
CA GLU B 70 -31.17 0.33 -8.60
C GLU B 70 -29.85 0.78 -7.98
N PRO B 71 -29.54 2.07 -8.06
CA PRO B 71 -28.30 2.63 -7.50
C PRO B 71 -28.31 2.81 -5.99
N THR B 72 -27.30 2.28 -5.31
CA THR B 72 -27.21 2.43 -3.86
C THR B 72 -26.58 3.80 -3.66
N PHE B 73 -27.31 4.74 -3.10
CA PHE B 73 -26.75 6.07 -2.90
C PHE B 73 -25.80 6.17 -1.73
N ARG B 74 -25.05 5.10 -1.48
CA ARG B 74 -24.12 5.09 -0.35
C ARG B 74 -23.02 6.14 -0.45
N PRO B 75 -22.58 6.65 0.70
CA PRO B 75 -21.53 7.67 0.67
C PRO B 75 -20.22 7.03 0.27
N VAL B 76 -19.53 7.67 -0.65
CA VAL B 76 -18.26 7.16 -1.16
C VAL B 76 -17.19 8.24 -1.19
N ARG B 77 -16.01 7.90 -0.70
CA ARG B 77 -14.92 8.85 -0.68
C ARG B 77 -14.14 8.76 -1.97
N HIS B 78 -14.08 9.89 -2.67
CA HIS B 78 -13.38 10.00 -3.93
C HIS B 78 -11.89 9.75 -3.81
N PRO B 79 -11.32 8.99 -4.75
CA PRO B 79 -9.88 8.71 -4.71
C PRO B 79 -9.10 10.01 -4.46
N THR B 80 -9.65 11.11 -4.95
CA THR B 80 -9.04 12.42 -4.77
C THR B 80 -10.14 13.46 -4.59
N ARG B 81 -9.79 14.64 -4.11
CA ARG B 81 -10.80 15.68 -3.90
C ARG B 81 -11.23 16.38 -5.19
N MET B 82 -12.53 16.69 -5.25
CA MET B 82 -13.14 17.40 -6.37
C MET B 82 -13.36 18.81 -5.85
N TYR B 83 -12.32 19.64 -5.78
CA TYR B 83 -12.51 20.99 -5.29
C TYR B 83 -13.58 21.74 -6.07
N SER B 84 -13.85 22.96 -5.62
CA SER B 84 -14.84 23.84 -6.23
C SER B 84 -14.12 25.13 -6.55
N LEU B 85 -14.63 25.91 -7.49
CA LEU B 85 -13.95 27.14 -7.87
C LEU B 85 -14.22 28.34 -6.99
N ASP B 86 -13.34 29.32 -7.12
CA ASP B 86 -13.44 30.57 -6.40
C ASP B 86 -14.08 31.43 -7.47
N ASN B 87 -14.72 32.53 -7.11
CA ASN B 87 -15.38 33.31 -8.13
C ASN B 87 -14.91 34.73 -8.32
N ALA B 88 -15.34 35.31 -9.43
CA ALA B 88 -15.04 36.67 -9.83
C ALA B 88 -16.25 37.12 -10.63
N PHE B 89 -16.63 38.40 -10.52
CA PHE B 89 -17.79 38.89 -11.23
C PHE B 89 -17.57 40.15 -12.05
N THR B 90 -16.32 40.60 -12.13
CA THR B 90 -15.99 41.79 -12.90
C THR B 90 -14.65 41.59 -13.57
N TYR B 91 -14.32 42.42 -14.55
CA TYR B 91 -13.04 42.27 -15.21
C TYR B 91 -11.91 42.38 -14.19
N GLU B 92 -12.01 43.36 -13.29
CA GLU B 92 -11.00 43.58 -12.26
C GLU B 92 -10.57 42.30 -11.55
N GLU B 93 -11.50 41.70 -10.81
CA GLU B 93 -11.22 40.49 -10.06
C GLU B 93 -10.45 39.49 -10.92
N VAL B 94 -10.90 39.30 -12.15
CA VAL B 94 -10.26 38.37 -13.07
C VAL B 94 -8.80 38.76 -13.20
N LEU B 95 -8.54 40.02 -13.57
CA LEU B 95 -7.18 40.50 -13.73
C LEU B 95 -6.39 40.35 -12.45
N ALA B 96 -6.97 40.79 -11.35
CA ALA B 96 -6.30 40.69 -10.07
C ALA B 96 -5.92 39.23 -9.86
N PHE B 97 -6.69 38.33 -10.49
CA PHE B 97 -6.39 36.91 -10.37
C PHE B 97 -5.14 36.59 -11.19
N GLU B 98 -5.04 37.16 -12.37
CA GLU B 98 -3.88 36.94 -13.24
C GLU B 98 -2.71 37.70 -12.62
N GLU B 99 -3.02 38.86 -12.05
CA GLU B 99 -2.04 39.71 -11.39
C GLU B 99 -1.34 38.88 -10.32
N ARG B 100 -2.14 38.33 -9.40
CA ARG B 100 -1.60 37.49 -8.34
C ARG B 100 -0.98 36.26 -8.96
N LEU B 101 -1.58 35.80 -10.06
CA LEU B 101 -1.07 34.63 -10.76
C LEU B 101 0.39 34.93 -11.09
N GLU B 102 0.71 36.22 -11.20
CA GLU B 102 2.06 36.66 -11.48
C GLU B 102 2.96 36.52 -10.27
N ARG B 103 2.69 35.49 -9.46
CA ARG B 103 3.48 35.18 -8.29
C ARG B 103 4.04 33.82 -8.64
N ALA B 104 5.36 33.78 -8.83
CA ALA B 104 6.09 32.59 -9.25
C ALA B 104 6.14 32.76 -10.76
N LEU B 105 6.47 33.99 -11.17
CA LEU B 105 6.55 34.37 -12.57
C LEU B 105 7.56 35.49 -12.74
N GLY B 106 7.14 36.68 -12.32
CA GLY B 106 7.96 37.86 -12.46
C GLY B 106 7.08 38.99 -12.99
N ARG B 107 6.71 38.90 -14.27
CA ARG B 107 5.88 39.92 -14.91
C ARG B 107 5.13 39.45 -16.16
N LYS B 108 5.35 38.19 -16.57
CA LYS B 108 4.67 37.68 -17.76
C LYS B 108 3.17 37.81 -17.59
N ARG B 109 2.65 38.98 -17.91
CA ARG B 109 1.23 39.22 -17.81
C ARG B 109 0.46 38.28 -18.74
N PRO B 110 0.86 38.22 -20.02
CA PRO B 110 0.19 37.36 -21.00
C PRO B 110 0.33 35.86 -20.70
N PHE B 111 -0.74 35.27 -20.17
CA PHE B 111 -0.74 33.84 -19.88
C PHE B 111 -1.78 33.15 -20.74
N LEU B 112 -1.54 31.89 -21.09
CA LEU B 112 -2.48 31.16 -21.89
C LEU B 112 -3.51 30.50 -21.00
N TYR B 113 -4.77 30.53 -21.43
CA TYR B 113 -5.87 29.94 -20.70
C TYR B 113 -6.79 29.15 -21.64
N THR B 114 -7.53 28.20 -21.09
CA THR B 114 -8.52 27.45 -21.85
C THR B 114 -9.82 27.85 -21.19
N VAL B 115 -10.50 28.86 -21.72
CA VAL B 115 -11.73 29.30 -21.11
C VAL B 115 -12.92 28.47 -21.55
N GLU B 116 -13.55 27.80 -20.60
CA GLU B 116 -14.72 26.97 -20.87
C GLU B 116 -16.00 27.67 -20.49
N HIS B 117 -17.12 26.99 -20.72
CA HIS B 117 -18.43 27.48 -20.37
C HIS B 117 -18.61 26.89 -18.99
N LYS B 118 -19.39 27.53 -18.12
CA LYS B 118 -19.62 26.94 -16.81
C LYS B 118 -20.99 26.26 -16.86
N VAL B 119 -20.99 24.94 -17.01
CA VAL B 119 -22.21 24.16 -17.11
C VAL B 119 -22.97 24.02 -15.80
N ASP B 120 -24.30 24.11 -15.86
CA ASP B 120 -25.12 23.97 -14.68
C ASP B 120 -24.77 22.76 -13.87
N GLY B 121 -24.07 22.92 -12.90
CA GLY B 121 -23.64 21.68 -12.40
C GLY B 121 -24.66 20.57 -12.06
N LEU B 122 -23.98 19.40 -11.99
CA LEU B 122 -24.35 18.11 -11.40
C LEU B 122 -23.00 17.33 -11.26
N SER B 123 -21.91 18.08 -11.04
CA SER B 123 -20.61 17.48 -10.93
C SER B 123 -20.73 16.05 -10.46
N VAL B 124 -20.08 15.15 -11.19
CA VAL B 124 -20.07 13.78 -10.85
C VAL B 124 -18.62 13.33 -10.87
N ASN B 125 -18.36 12.03 -10.91
CA ASN B 125 -17.00 11.54 -10.92
C ASN B 125 -16.99 10.06 -11.25
N LEU B 126 -16.41 9.71 -12.39
CA LEU B 126 -16.33 8.33 -12.80
C LEU B 126 -14.94 7.77 -12.49
N TYR B 127 -14.89 6.51 -12.10
CA TYR B 127 -13.63 5.86 -11.69
C TYR B 127 -13.37 4.55 -12.43
N TYR B 128 -12.32 4.52 -13.23
CA TYR B 128 -12.00 3.31 -13.98
C TYR B 128 -10.69 2.66 -13.54
N GLU B 129 -10.66 1.33 -13.63
CA GLU B 129 -9.45 0.57 -13.29
C GLU B 129 -9.19 -0.36 -14.46
N GLU B 130 -7.95 -0.39 -14.95
CA GLU B 130 -7.60 -1.25 -16.07
C GLU B 130 -8.50 -0.84 -17.22
N GLY B 131 -8.90 0.44 -17.19
CA GLY B 131 -9.74 0.99 -18.23
C GLY B 131 -11.23 0.73 -18.06
N VAL B 132 -11.61 -0.07 -17.07
CA VAL B 132 -13.02 -0.38 -16.82
C VAL B 132 -13.64 0.46 -15.69
N LEU B 133 -14.89 0.86 -15.91
CA LEU B 133 -15.63 1.68 -14.95
C LEU B 133 -16.03 0.87 -13.74
N VAL B 134 -15.77 1.42 -12.56
CA VAL B 134 -16.11 0.74 -11.31
C VAL B 134 -17.36 1.35 -10.69
N PHE B 135 -17.32 2.65 -10.44
CA PHE B 135 -18.46 3.34 -9.87
C PHE B 135 -18.49 4.80 -10.31
N GLY B 136 -19.66 5.41 -10.19
CA GLY B 136 -19.82 6.81 -10.56
C GLY B 136 -20.51 7.46 -9.38
N ALA B 137 -19.79 8.29 -8.64
CA ALA B 137 -20.38 8.93 -7.48
C ALA B 137 -20.74 10.35 -7.79
N THR B 138 -21.68 10.88 -7.02
CA THR B 138 -22.09 12.26 -7.21
C THR B 138 -20.99 13.03 -6.51
N ARG B 139 -20.98 14.33 -6.69
CA ARG B 139 -19.93 15.14 -6.10
C ARG B 139 -19.99 15.25 -4.59
N GLY B 140 -21.20 15.16 -4.03
CA GLY B 140 -21.33 15.30 -2.60
C GLY B 140 -20.80 16.68 -2.33
N ASP B 141 -19.77 16.79 -1.50
CA ASP B 141 -19.18 18.10 -1.27
C ASP B 141 -17.74 18.10 -1.71
N GLY B 142 -17.13 16.94 -1.69
CA GLY B 142 -15.76 16.77 -2.06
C GLY B 142 -15.24 15.77 -1.07
N GLU B 143 -14.93 14.56 -1.54
CA GLU B 143 -14.45 13.46 -0.69
C GLU B 143 -15.56 12.47 -0.37
N VAL B 144 -16.79 12.93 -0.45
CA VAL B 144 -17.92 12.04 -0.29
C VAL B 144 -19.12 12.44 -1.14
N GLY B 145 -19.56 11.49 -1.96
CA GLY B 145 -20.70 11.72 -2.83
C GLY B 145 -21.57 10.49 -2.84
N GLU B 146 -22.67 10.54 -3.55
CA GLU B 146 -23.55 9.40 -3.58
C GLU B 146 -23.22 8.52 -4.75
N GLU B 147 -22.97 7.24 -4.47
CA GLU B 147 -22.70 6.31 -5.55
C GLU B 147 -23.98 6.21 -6.34
N VAL B 148 -23.96 6.70 -7.56
CA VAL B 148 -25.14 6.69 -8.40
C VAL B 148 -24.81 6.07 -9.75
N THR B 149 -24.05 4.98 -9.74
CA THR B 149 -23.63 4.32 -10.96
C THR B 149 -24.72 3.95 -11.96
N GLN B 150 -25.56 2.98 -11.64
CA GLN B 150 -26.62 2.54 -12.55
C GLN B 150 -27.38 3.65 -13.25
N ASN B 151 -27.56 4.78 -12.59
CA ASN B 151 -28.27 5.89 -13.21
C ASN B 151 -27.46 6.48 -14.35
N LEU B 152 -26.17 6.72 -14.10
CA LEU B 152 -25.27 7.28 -15.10
C LEU B 152 -25.28 6.43 -16.36
N LEU B 153 -25.31 5.12 -16.19
CA LEU B 153 -25.31 4.23 -17.32
C LEU B 153 -26.49 4.45 -18.26
N THR B 154 -27.48 5.24 -17.87
CA THR B 154 -28.58 5.46 -18.79
C THR B 154 -28.30 6.69 -19.63
N ILE B 155 -27.03 7.05 -19.66
CA ILE B 155 -26.56 8.16 -20.47
C ILE B 155 -25.57 7.51 -21.44
N PRO B 156 -25.99 7.28 -22.70
CA PRO B 156 -25.16 6.67 -23.75
C PRO B 156 -23.81 7.30 -24.03
N THR B 157 -23.72 8.62 -23.95
CA THR B 157 -22.45 9.30 -24.21
C THR B 157 -21.34 8.82 -23.29
N ILE B 158 -21.71 8.41 -22.07
CA ILE B 158 -20.73 7.95 -21.09
C ILE B 158 -20.15 6.57 -21.42
N PRO B 159 -18.81 6.46 -21.42
CA PRO B 159 -18.09 5.22 -21.72
C PRO B 159 -17.88 4.23 -20.59
N ARG B 160 -18.20 2.97 -20.84
CA ARG B 160 -18.02 1.92 -19.85
C ARG B 160 -16.61 1.36 -19.95
N ARG B 161 -16.12 1.26 -21.18
CA ARG B 161 -14.79 0.71 -21.40
C ARG B 161 -13.91 1.68 -22.19
N LEU B 162 -12.73 1.96 -21.65
CA LEU B 162 -11.77 2.86 -22.29
C LEU B 162 -10.60 2.11 -22.89
N LYS B 163 -9.88 2.77 -23.80
CA LYS B 163 -8.72 2.16 -24.46
C LYS B 163 -7.45 2.97 -24.27
N GLY B 164 -6.40 2.29 -23.81
CA GLY B 164 -5.12 2.95 -23.62
C GLY B 164 -5.19 4.15 -22.71
N VAL B 165 -5.53 3.90 -21.46
CA VAL B 165 -5.62 4.95 -20.45
C VAL B 165 -4.82 4.47 -19.27
N PRO B 166 -4.56 5.35 -18.29
CA PRO B 166 -3.79 4.92 -17.13
C PRO B 166 -4.48 3.79 -16.38
N ASP B 167 -3.72 3.04 -15.61
CA ASP B 167 -4.27 1.93 -14.83
C ASP B 167 -5.43 2.35 -13.94
N ARG B 168 -5.21 3.41 -13.18
CA ARG B 168 -6.25 3.92 -12.29
C ARG B 168 -6.56 5.33 -12.73
N LEU B 169 -7.67 5.51 -13.44
CA LEU B 169 -8.07 6.83 -13.90
C LEU B 169 -9.31 7.33 -13.18
N GLU B 170 -9.38 8.64 -13.02
CA GLU B 170 -10.49 9.29 -12.35
C GLU B 170 -10.93 10.46 -13.22
N VAL B 171 -12.10 10.31 -13.84
CA VAL B 171 -12.63 11.36 -14.72
C VAL B 171 -13.74 12.17 -14.03
N ARG B 172 -13.54 13.48 -13.98
CA ARG B 172 -14.47 14.40 -13.35
C ARG B 172 -15.33 15.20 -14.30
N GLY B 173 -16.53 14.74 -14.60
CA GLY B 173 -17.38 15.50 -15.50
C GLY B 173 -18.52 16.24 -14.80
N GLU B 174 -19.65 16.35 -15.51
CA GLU B 174 -20.84 17.02 -15.04
C GLU B 174 -22.11 16.57 -15.77
N VAL B 175 -22.97 15.80 -15.12
CA VAL B 175 -24.21 15.42 -15.77
C VAL B 175 -25.02 16.71 -15.77
N TYR B 176 -25.88 16.93 -16.75
CA TYR B 176 -26.69 18.15 -16.80
C TYR B 176 -27.96 17.94 -17.59
N MET B 177 -28.90 18.86 -17.46
CA MET B 177 -30.15 18.75 -18.19
C MET B 177 -30.28 19.96 -19.12
N PRO B 178 -30.33 19.71 -20.46
CA PRO B 178 -30.45 20.76 -21.48
C PRO B 178 -31.72 21.54 -21.29
N ILE B 179 -31.63 22.85 -21.54
CA ILE B 179 -32.77 23.76 -21.39
C ILE B 179 -34.09 23.23 -21.95
N GLU B 180 -34.05 22.45 -23.01
CA GLU B 180 -35.29 21.95 -23.59
C GLU B 180 -35.97 20.91 -22.72
N ALA B 181 -35.21 19.92 -22.24
CA ALA B 181 -35.78 18.88 -21.41
C ALA B 181 -36.11 19.48 -20.03
N PHE B 182 -35.32 20.47 -19.62
CA PHE B 182 -35.52 21.15 -18.35
C PHE B 182 -36.93 21.71 -18.37
N LEU B 183 -37.33 22.24 -19.52
CA LEU B 183 -38.67 22.82 -19.68
C LEU B 183 -39.77 21.76 -19.87
N ARG B 184 -39.39 20.59 -20.35
CA ARG B 184 -40.37 19.54 -20.54
C ARG B 184 -40.70 18.95 -19.17
N LEU B 185 -39.68 18.82 -18.32
CA LEU B 185 -39.86 18.26 -16.98
C LEU B 185 -40.68 19.18 -16.11
N ASN B 186 -40.34 20.47 -16.10
CA ASN B 186 -41.09 21.39 -15.29
C ASN B 186 -42.54 21.41 -15.77
N GLU B 187 -42.75 21.28 -17.08
CA GLU B 187 -44.10 21.27 -17.63
C GLU B 187 -44.88 20.05 -17.11
N GLU B 188 -44.26 18.88 -17.17
CA GLU B 188 -44.92 17.69 -16.71
C GLU B 188 -45.28 17.87 -15.23
N LEU B 189 -44.37 18.46 -14.47
CA LEU B 189 -44.62 18.64 -13.06
C LEU B 189 -45.60 19.76 -12.78
N GLU B 190 -45.47 20.85 -13.53
CA GLU B 190 -46.37 21.98 -13.36
C GLU B 190 -47.80 21.55 -13.69
N GLU B 191 -47.93 20.46 -14.44
CA GLU B 191 -49.24 19.93 -14.85
C GLU B 191 -49.87 18.90 -13.91
N ARG B 192 -49.07 18.28 -13.05
CA ARG B 192 -49.60 17.29 -12.11
C ARG B 192 -49.59 17.88 -10.70
N GLY B 193 -49.78 19.19 -10.61
CA GLY B 193 -49.81 19.84 -9.32
C GLY B 193 -48.49 19.92 -8.58
N GLU B 194 -47.55 19.04 -8.92
CA GLU B 194 -46.22 19.01 -8.27
C GLU B 194 -45.47 20.34 -8.24
N LYS B 195 -44.26 20.28 -7.69
CA LYS B 195 -43.37 21.44 -7.57
C LYS B 195 -42.28 21.39 -8.66
N VAL B 196 -42.04 22.53 -9.32
CA VAL B 196 -41.04 22.61 -10.38
C VAL B 196 -39.64 22.89 -9.86
N PHE B 197 -38.62 22.43 -10.58
CA PHE B 197 -37.24 22.70 -10.17
C PHE B 197 -37.01 24.15 -10.54
N LYS B 198 -36.20 24.85 -9.75
CA LYS B 198 -35.94 26.26 -10.06
C LYS B 198 -34.84 26.43 -11.08
N ASN B 199 -34.12 25.36 -11.37
CA ASN B 199 -33.05 25.43 -12.35
C ASN B 199 -32.57 24.06 -12.77
N PRO B 200 -31.96 23.98 -13.96
CA PRO B 200 -31.45 22.74 -14.51
C PRO B 200 -30.62 21.96 -13.50
N ARG B 201 -29.82 22.68 -12.70
CA ARG B 201 -28.96 22.00 -11.74
C ARG B 201 -29.74 21.08 -10.86
N ASN B 202 -30.73 21.65 -10.17
CA ASN B 202 -31.54 20.87 -9.28
C ASN B 202 -32.22 19.76 -10.09
N ALA B 203 -32.85 20.15 -11.18
CA ALA B 203 -33.52 19.18 -12.04
C ALA B 203 -32.61 17.99 -12.34
N ALA B 204 -31.39 18.32 -12.76
CA ALA B 204 -30.39 17.30 -13.09
C ALA B 204 -30.18 16.43 -11.86
N ALA B 205 -29.75 17.06 -10.76
CA ALA B 205 -29.53 16.34 -9.52
C ALA B 205 -30.78 15.53 -9.19
N GLY B 206 -31.91 16.24 -9.19
CA GLY B 206 -33.19 15.63 -8.91
C GLY B 206 -33.45 14.44 -9.80
N SER B 207 -33.11 14.58 -11.08
CA SER B 207 -33.29 13.51 -12.04
C SER B 207 -32.23 12.46 -11.84
N LEU B 208 -31.00 12.89 -11.55
CA LEU B 208 -29.91 11.94 -11.34
C LEU B 208 -30.17 11.04 -10.11
N ARG B 209 -30.64 11.62 -9.02
CA ARG B 209 -30.91 10.86 -7.81
C ARG B 209 -32.28 10.19 -7.94
N GLN B 210 -32.30 8.95 -8.41
CA GLN B 210 -33.55 8.22 -8.60
C GLN B 210 -33.43 6.73 -8.32
N LYS B 211 -34.30 6.25 -7.44
CA LYS B 211 -34.29 4.85 -7.07
C LYS B 211 -34.54 3.95 -8.26
N ASP B 212 -35.08 4.51 -9.33
CA ASP B 212 -35.35 3.68 -10.52
C ASP B 212 -34.73 4.23 -11.79
N PRO B 213 -33.62 3.66 -12.26
CA PRO B 213 -32.98 4.14 -13.49
C PRO B 213 -33.96 4.30 -14.63
N ARG B 214 -34.94 3.41 -14.72
CA ARG B 214 -35.96 3.47 -15.77
C ARG B 214 -36.65 4.84 -15.80
N VAL B 215 -36.51 5.61 -14.72
CA VAL B 215 -37.10 6.94 -14.62
C VAL B 215 -36.09 7.98 -15.07
N THR B 216 -34.83 7.77 -14.71
CA THR B 216 -33.79 8.71 -15.11
C THR B 216 -33.79 8.72 -16.63
N ALA B 217 -33.67 7.52 -17.18
CA ALA B 217 -33.63 7.28 -18.62
C ALA B 217 -34.50 8.24 -19.43
N LYS B 218 -35.70 8.50 -18.92
CA LYS B 218 -36.64 9.39 -19.61
C LYS B 218 -36.19 10.84 -19.58
N ARG B 219 -35.73 11.32 -18.44
CA ARG B 219 -35.29 12.72 -18.34
C ARG B 219 -34.22 12.92 -19.39
N GLY B 220 -34.21 14.08 -20.05
CA GLY B 220 -33.22 14.35 -21.10
C GLY B 220 -31.81 14.56 -20.60
N LEU B 221 -31.44 13.77 -19.60
CA LEU B 221 -30.14 13.87 -18.95
C LEU B 221 -28.94 13.70 -19.86
N ARG B 222 -28.04 14.67 -19.80
CA ARG B 222 -26.80 14.65 -20.59
C ARG B 222 -25.55 14.81 -19.72
N ALA B 223 -24.41 14.39 -20.25
CA ALA B 223 -23.14 14.50 -19.53
C ALA B 223 -22.14 15.39 -20.25
N THR B 224 -20.99 15.62 -19.63
CA THR B 224 -19.92 16.44 -20.22
C THR B 224 -18.76 16.50 -19.23
N PHE B 225 -17.60 16.02 -19.66
CA PHE B 225 -16.45 16.02 -18.77
C PHE B 225 -15.45 17.13 -19.03
N TYR B 226 -14.57 17.35 -18.07
CA TYR B 226 -13.62 18.43 -18.21
C TYR B 226 -12.42 18.29 -17.31
N ALA B 227 -12.21 17.11 -16.74
CA ALA B 227 -11.06 16.95 -15.86
C ALA B 227 -10.66 15.53 -15.53
N LEU B 228 -9.54 15.41 -14.82
CA LEU B 228 -9.01 14.13 -14.41
C LEU B 228 -8.47 14.30 -13.01
N GLY B 229 -8.89 13.43 -12.11
CA GLY B 229 -8.37 13.51 -10.76
C GLY B 229 -7.17 12.58 -10.77
N LEU B 230 -7.38 11.39 -10.25
CA LEU B 230 -6.34 10.37 -10.20
C LEU B 230 -6.06 9.94 -11.64
N GLY B 231 -4.81 10.08 -12.09
CA GLY B 231 -4.50 9.67 -13.45
C GLY B 231 -3.79 10.66 -14.34
N LEU B 232 -3.93 11.97 -14.07
CA LEU B 232 -3.26 12.96 -14.90
C LEU B 232 -1.81 12.54 -15.02
N GLU B 233 -1.21 12.24 -13.87
CA GLU B 233 0.17 11.79 -13.81
C GLU B 233 0.54 10.92 -15.02
N GLU B 234 0.09 9.66 -15.01
CA GLU B 234 0.38 8.72 -16.10
C GLU B 234 0.10 9.25 -17.50
N SER B 235 -1.03 9.91 -17.69
CA SER B 235 -1.35 10.45 -19.00
C SER B 235 -0.48 11.69 -19.19
N GLY B 236 0.50 11.60 -20.08
CA GLY B 236 1.39 12.71 -20.30
C GLY B 236 0.76 13.97 -20.88
N LEU B 237 -0.38 14.38 -20.34
CA LEU B 237 -1.04 15.58 -20.83
C LEU B 237 -0.34 16.81 -20.29
N LYS B 238 -0.36 17.89 -21.07
CA LYS B 238 0.26 19.14 -20.69
C LYS B 238 -0.67 20.32 -20.94
N SER B 239 -1.68 20.12 -21.78
CA SER B 239 -2.60 21.20 -22.10
C SER B 239 -4.06 20.89 -21.77
N GLN B 240 -4.72 21.79 -21.04
CA GLN B 240 -6.13 21.60 -20.69
C GLN B 240 -6.90 21.46 -21.99
N TYR B 241 -6.64 22.37 -22.93
CA TYR B 241 -7.30 22.35 -24.23
C TYR B 241 -7.05 20.99 -24.89
N GLU B 242 -5.93 20.37 -24.54
CA GLU B 242 -5.57 19.06 -25.08
C GLU B 242 -6.23 17.99 -24.20
N LEU B 243 -6.35 18.29 -22.90
CA LEU B 243 -6.95 17.37 -21.93
C LEU B 243 -8.39 17.12 -22.37
N LEU B 244 -9.07 18.17 -22.80
CA LEU B 244 -10.44 18.03 -23.26
C LEU B 244 -10.44 17.05 -24.43
N LEU B 245 -9.71 17.41 -25.50
CA LEU B 245 -9.60 16.56 -26.70
C LEU B 245 -9.19 15.16 -26.31
N TRP B 246 -8.37 15.04 -25.29
CA TRP B 246 -7.96 13.74 -24.83
C TRP B 246 -9.22 12.99 -24.43
N LEU B 247 -10.00 13.63 -23.55
CA LEU B 247 -11.26 13.08 -23.05
C LEU B 247 -12.16 12.62 -24.19
N LYS B 248 -12.26 13.46 -25.22
CA LYS B 248 -13.08 13.18 -26.40
C LYS B 248 -12.60 11.94 -27.14
N GLU B 249 -11.32 11.92 -27.53
CA GLU B 249 -10.76 10.77 -28.23
C GLU B 249 -11.01 9.47 -27.47
N LYS B 250 -11.00 9.54 -26.15
CA LYS B 250 -11.19 8.33 -25.37
C LYS B 250 -12.63 7.88 -25.22
N GLY B 251 -13.58 8.67 -25.73
CA GLY B 251 -14.96 8.28 -25.62
C GLY B 251 -15.82 9.20 -24.76
N PHE B 252 -15.21 9.79 -23.72
CA PHE B 252 -15.92 10.71 -22.83
C PHE B 252 -16.49 11.88 -23.61
N PRO B 253 -17.80 12.11 -23.48
CA PRO B 253 -18.45 13.20 -24.18
C PRO B 253 -18.11 14.54 -23.54
N VAL B 254 -17.92 15.54 -24.38
CA VAL B 254 -17.61 16.88 -23.91
C VAL B 254 -18.41 17.78 -24.85
N GLU B 255 -19.55 18.26 -24.35
CA GLU B 255 -20.45 19.07 -25.15
C GLU B 255 -20.51 20.58 -24.95
N HIS B 256 -19.68 21.11 -24.05
CA HIS B 256 -19.71 22.55 -23.85
C HIS B 256 -18.71 23.31 -24.68
N GLY B 257 -18.84 24.63 -24.70
CA GLY B 257 -17.93 25.45 -25.47
C GLY B 257 -16.63 25.74 -24.75
N TYR B 258 -15.55 25.81 -25.51
CA TYR B 258 -14.25 26.11 -24.94
C TYR B 258 -13.32 26.66 -26.02
N GLU B 259 -12.17 27.19 -25.59
CA GLU B 259 -11.18 27.75 -26.50
C GLU B 259 -10.10 28.49 -25.71
N LYS B 260 -8.90 28.56 -26.27
CA LYS B 260 -7.79 29.24 -25.61
C LYS B 260 -7.94 30.75 -25.63
N ALA B 261 -7.33 31.41 -24.66
CA ALA B 261 -7.36 32.86 -24.58
C ALA B 261 -6.07 33.28 -23.89
N LEU B 262 -5.49 34.39 -24.34
CA LEU B 262 -4.22 34.87 -23.77
C LEU B 262 -4.35 36.11 -22.90
N GLY B 263 -3.94 35.99 -21.65
CA GLY B 263 -4.02 37.10 -20.73
C GLY B 263 -5.42 37.41 -20.23
N ALA B 264 -5.52 38.36 -19.31
CA ALA B 264 -6.80 38.76 -18.74
C ALA B 264 -7.74 39.21 -19.85
N GLU B 265 -7.40 40.31 -20.50
CA GLU B 265 -8.23 40.84 -21.58
C GLU B 265 -8.62 39.70 -22.51
N GLY B 266 -7.77 38.67 -22.54
CA GLY B 266 -8.03 37.53 -23.41
C GLY B 266 -9.36 36.85 -23.13
N VAL B 267 -9.59 36.49 -21.87
CA VAL B 267 -10.83 35.85 -21.45
C VAL B 267 -11.98 36.84 -21.45
N GLU B 268 -11.67 38.10 -21.17
CA GLU B 268 -12.68 39.16 -21.14
C GLU B 268 -13.47 39.18 -22.44
N GLU B 269 -12.81 38.85 -23.55
CA GLU B 269 -13.44 38.82 -24.86
C GLU B 269 -14.27 37.55 -24.98
N VAL B 270 -13.69 36.43 -24.58
CA VAL B 270 -14.37 35.15 -24.64
C VAL B 270 -15.59 35.18 -23.74
N TYR B 271 -15.47 35.91 -22.64
CA TYR B 271 -16.54 36.06 -21.68
C TYR B 271 -17.71 36.83 -22.31
N ARG B 272 -17.48 38.12 -22.52
CA ARG B 272 -18.52 38.96 -23.10
C ARG B 272 -19.12 38.42 -24.38
N ARG B 273 -18.38 37.55 -25.07
CA ARG B 273 -18.86 36.97 -26.32
C ARG B 273 -19.77 35.78 -25.99
N PHE B 274 -19.36 35.01 -24.99
CA PHE B 274 -20.16 33.86 -24.58
C PHE B 274 -21.44 34.37 -23.93
N LEU B 275 -21.31 35.43 -23.13
CA LEU B 275 -22.44 36.03 -22.45
C LEU B 275 -23.45 36.54 -23.46
N ALA B 276 -22.94 37.14 -24.52
CA ALA B 276 -23.80 37.69 -25.57
C ALA B 276 -24.51 36.59 -26.31
N GLN B 277 -24.02 35.36 -26.17
CA GLN B 277 -24.62 34.25 -26.86
C GLN B 277 -25.35 33.25 -25.96
N ARG B 278 -25.25 33.43 -24.64
CA ARG B 278 -25.88 32.50 -23.71
C ARG B 278 -27.18 31.94 -24.26
N HIS B 279 -28.15 32.83 -24.46
CA HIS B 279 -29.47 32.47 -24.94
C HIS B 279 -29.50 31.70 -26.26
N ALA B 280 -28.35 31.26 -26.75
CA ALA B 280 -28.31 30.51 -28.01
C ALA B 280 -27.83 29.08 -27.77
N LEU B 281 -27.31 28.83 -26.58
CA LEU B 281 -26.81 27.51 -26.22
C LEU B 281 -27.97 26.56 -25.98
N PRO B 282 -27.74 25.25 -26.11
CA PRO B 282 -28.82 24.30 -25.89
C PRO B 282 -28.99 24.09 -24.40
N PHE B 283 -27.96 24.46 -23.65
CA PHE B 283 -27.91 24.33 -22.19
C PHE B 283 -27.68 25.68 -21.53
N GLU B 284 -27.66 25.70 -20.20
CA GLU B 284 -27.46 26.94 -19.48
C GLU B 284 -26.15 26.99 -18.73
N ALA B 285 -25.42 28.09 -18.93
CA ALA B 285 -24.15 28.31 -18.25
C ALA B 285 -24.31 29.65 -17.56
N ASP B 286 -23.84 29.74 -16.32
CA ASP B 286 -23.95 30.99 -15.59
C ASP B 286 -22.65 31.75 -15.58
N GLY B 287 -21.77 31.39 -16.51
CA GLY B 287 -20.49 32.06 -16.61
C GLY B 287 -19.44 31.18 -17.26
N VAL B 288 -18.21 31.68 -17.32
CA VAL B 288 -17.10 30.95 -17.91
C VAL B 288 -16.10 30.64 -16.83
N VAL B 289 -15.21 29.69 -17.11
CA VAL B 289 -14.18 29.32 -16.17
C VAL B 289 -12.80 29.59 -16.77
N VAL B 290 -11.99 30.34 -16.05
CA VAL B 290 -10.63 30.71 -16.45
C VAL B 290 -9.66 29.66 -15.94
N LYS B 291 -9.10 28.87 -16.86
CA LYS B 291 -8.13 27.84 -16.47
C LYS B 291 -6.78 28.01 -17.17
N LEU B 292 -5.71 28.08 -16.36
CA LEU B 292 -4.35 28.23 -16.88
C LEU B 292 -4.06 26.96 -17.67
N ASP B 293 -4.05 27.09 -19.00
CA ASP B 293 -3.83 25.96 -19.89
C ASP B 293 -2.68 25.01 -19.59
N ASP B 294 -1.53 25.52 -19.21
CA ASP B 294 -0.38 24.66 -18.93
C ASP B 294 -0.49 23.96 -17.58
N LEU B 295 -0.71 22.64 -17.62
CA LEU B 295 -0.86 21.83 -16.41
C LEU B 295 0.38 21.81 -15.53
N ALA B 296 1.56 21.72 -16.15
CA ALA B 296 2.82 21.68 -15.42
C ALA B 296 2.78 22.60 -14.21
N LEU B 297 2.19 23.78 -14.38
CA LEU B 297 2.09 24.77 -13.31
C LEU B 297 1.00 24.53 -12.24
N TRP B 298 0.08 23.61 -12.51
CA TRP B 298 -1.00 23.31 -11.55
C TRP B 298 -0.40 22.70 -10.30
N ARG B 299 0.75 22.05 -10.48
CA ARG B 299 1.47 21.43 -9.37
C ARG B 299 2.12 22.57 -8.58
N GLU B 300 2.95 23.37 -9.27
CA GLU B 300 3.60 24.52 -8.66
C GLU B 300 2.52 25.24 -7.85
N LEU B 301 1.59 25.86 -8.56
CA LEU B 301 0.47 26.56 -7.95
C LEU B 301 -0.29 25.48 -7.20
N GLY B 302 -0.84 25.83 -6.03
CA GLY B 302 -1.57 24.84 -5.27
C GLY B 302 -3.03 25.18 -5.14
N TYR B 303 -3.64 24.67 -4.08
CA TYR B 303 -5.03 24.91 -3.79
C TYR B 303 -5.11 25.74 -2.50
N THR B 304 -6.08 26.66 -2.43
CA THR B 304 -6.22 27.47 -1.22
C THR B 304 -6.69 26.56 -0.09
N ALA B 305 -8.00 26.37 -0.01
CA ALA B 305 -8.59 25.51 1.00
C ALA B 305 -9.75 24.76 0.37
N ARG B 306 -10.67 25.50 -0.24
CA ARG B 306 -11.82 24.89 -0.89
C ARG B 306 -11.73 25.02 -2.42
N ALA B 307 -10.94 25.98 -2.88
CA ALA B 307 -10.76 26.21 -4.31
C ALA B 307 -9.29 26.22 -4.73
N PRO B 308 -9.00 25.86 -5.99
CA PRO B 308 -7.64 25.83 -6.50
C PRO B 308 -7.23 27.25 -6.87
N ARG B 309 -5.95 27.57 -6.75
CA ARG B 309 -5.50 28.91 -7.06
C ARG B 309 -5.21 29.12 -8.55
N PHE B 310 -5.12 28.03 -9.30
CA PHE B 310 -4.82 28.12 -10.73
C PHE B 310 -6.00 28.16 -11.70
N ALA B 311 -7.19 28.41 -11.19
CA ALA B 311 -8.37 28.49 -12.05
C ALA B 311 -9.29 29.53 -11.46
N LEU B 312 -10.30 29.95 -12.20
CA LEU B 312 -11.21 30.96 -11.70
C LEU B 312 -12.59 30.86 -12.35
N ALA B 313 -13.63 31.04 -11.54
CA ALA B 313 -15.00 30.99 -12.05
C ALA B 313 -15.45 32.42 -12.18
N TYR B 314 -15.57 32.86 -13.42
CA TYR B 314 -15.97 34.21 -13.76
C TYR B 314 -17.44 34.08 -14.13
N LYS B 315 -18.32 34.55 -13.25
CA LYS B 315 -19.77 34.43 -13.45
C LYS B 315 -20.43 35.56 -14.23
N PHE B 316 -21.63 35.29 -14.75
CA PHE B 316 -22.37 36.30 -15.49
C PHE B 316 -23.09 37.25 -14.52
N PRO B 317 -23.63 38.36 -15.04
CA PRO B 317 -24.35 39.30 -14.20
C PRO B 317 -25.77 38.79 -13.97
N ALA B 318 -25.89 37.76 -13.13
CA ALA B 318 -27.19 37.19 -12.83
C ALA B 318 -28.00 38.14 -11.93
N GLU B 319 -28.89 38.90 -12.55
CA GLU B 319 -29.70 39.88 -11.84
C GLU B 319 -30.81 39.32 -10.94
N GLU B 320 -31.00 39.98 -9.80
CA GLU B 320 -32.02 39.62 -8.83
C GLU B 320 -32.53 40.92 -8.23
N LYS B 321 -33.23 41.68 -9.05
CA LYS B 321 -33.81 42.96 -8.64
C LYS B 321 -35.23 42.65 -8.14
N GLU B 322 -35.76 43.50 -7.27
CA GLU B 322 -37.09 43.27 -6.71
C GLU B 322 -38.21 44.23 -7.15
N THR B 323 -39.43 43.81 -6.89
CA THR B 323 -40.62 44.57 -7.23
C THR B 323 -41.80 44.09 -6.37
N ARG B 324 -42.98 44.66 -6.59
CA ARG B 324 -44.17 44.31 -5.84
C ARG B 324 -45.13 43.51 -6.74
N LEU B 325 -46.00 42.70 -6.13
CA LEU B 325 -46.95 41.89 -6.91
C LEU B 325 -48.34 42.51 -6.97
N LEU B 326 -48.52 43.46 -7.88
CA LEU B 326 -49.79 44.16 -8.05
C LEU B 326 -51.01 43.26 -8.01
N ASP B 327 -51.14 42.41 -9.02
CA ASP B 327 -52.29 41.51 -9.13
C ASP B 327 -51.87 40.06 -9.28
N VAL B 328 -52.80 39.24 -9.79
CA VAL B 328 -52.59 37.82 -10.03
C VAL B 328 -53.77 37.23 -10.77
N VAL B 329 -53.74 37.36 -12.10
CA VAL B 329 -54.80 36.85 -12.98
C VAL B 329 -54.70 35.34 -13.25
N PHE B 330 -55.69 34.77 -13.92
CA PHE B 330 -55.71 33.34 -14.21
C PHE B 330 -55.92 32.99 -15.67
N GLN B 331 -55.28 31.91 -16.11
CA GLN B 331 -55.41 31.46 -17.48
C GLN B 331 -55.68 29.97 -17.55
N VAL B 332 -56.43 29.56 -18.56
CA VAL B 332 -56.77 28.16 -18.75
C VAL B 332 -56.01 27.64 -19.96
N GLY B 333 -55.23 26.60 -19.77
CA GLY B 333 -54.45 26.09 -20.88
C GLY B 333 -55.07 24.98 -21.70
N ARG B 334 -54.44 24.72 -22.83
CA ARG B 334 -54.85 23.69 -23.76
C ARG B 334 -55.48 22.47 -23.07
N THR B 335 -55.06 22.20 -21.84
CA THR B 335 -55.58 21.05 -21.12
C THR B 335 -56.70 21.34 -20.14
N GLY B 336 -56.91 22.62 -19.85
CA GLY B 336 -57.97 22.99 -18.93
C GLY B 336 -57.47 23.56 -17.62
N ARG B 337 -56.28 23.15 -17.20
CA ARG B 337 -55.72 23.62 -15.94
C ARG B 337 -55.72 25.14 -15.84
N VAL B 338 -56.39 25.67 -14.81
CA VAL B 338 -56.43 27.11 -14.60
C VAL B 338 -55.03 27.36 -14.03
N THR B 339 -54.29 28.28 -14.65
CA THR B 339 -52.91 28.57 -14.23
C THR B 339 -52.71 29.98 -13.68
N PRO B 340 -51.93 30.11 -12.60
CA PRO B 340 -51.68 31.42 -12.00
C PRO B 340 -50.70 32.24 -12.83
N VAL B 341 -50.80 33.56 -12.68
CA VAL B 341 -49.95 34.50 -13.38
C VAL B 341 -50.02 35.83 -12.64
N GLY B 342 -48.99 36.13 -11.85
CA GLY B 342 -49.00 37.37 -11.10
C GLY B 342 -48.58 38.61 -11.88
N VAL B 343 -49.33 39.68 -11.76
CA VAL B 343 -49.00 40.92 -12.43
C VAL B 343 -48.08 41.75 -11.54
N LEU B 344 -46.89 42.05 -12.05
CA LEU B 344 -45.89 42.80 -11.30
C LEU B 344 -45.89 44.29 -11.61
N GLU B 345 -44.92 44.97 -11.03
CA GLU B 345 -44.73 46.39 -11.24
C GLU B 345 -43.54 46.47 -12.17
N PRO B 346 -43.68 47.20 -13.28
CA PRO B 346 -42.61 47.37 -14.28
C PRO B 346 -41.22 47.26 -13.68
N VAL B 347 -40.58 46.11 -13.88
CA VAL B 347 -39.24 45.90 -13.35
C VAL B 347 -38.30 45.46 -14.46
N PHE B 348 -37.03 45.87 -14.38
CA PHE B 348 -36.03 45.54 -15.38
C PHE B 348 -35.14 44.34 -15.08
N ILE B 349 -35.05 43.42 -16.04
CA ILE B 349 -34.22 42.24 -15.89
C ILE B 349 -33.49 42.04 -17.21
N GLU B 350 -32.18 42.34 -17.18
CA GLU B 350 -31.34 42.24 -18.36
C GLU B 350 -31.75 43.34 -19.34
N GLY B 351 -31.89 44.55 -18.82
CA GLY B 351 -32.29 45.69 -19.63
C GLY B 351 -33.78 45.76 -19.84
N SER B 352 -34.34 44.68 -20.37
CA SER B 352 -35.77 44.58 -20.64
C SER B 352 -36.66 44.73 -19.41
N GLU B 353 -37.92 45.07 -19.67
CA GLU B 353 -38.93 45.25 -18.63
C GLU B 353 -39.69 43.95 -18.46
N VAL B 354 -40.24 43.74 -17.27
CA VAL B 354 -41.03 42.53 -16.98
C VAL B 354 -42.30 42.94 -16.27
N SER B 355 -43.41 42.82 -16.96
CA SER B 355 -44.72 43.17 -16.42
C SER B 355 -45.44 41.98 -15.78
N ARG B 356 -45.52 40.87 -16.51
CA ARG B 356 -46.19 39.68 -16.01
C ARG B 356 -45.22 38.53 -15.80
N VAL B 357 -45.51 37.71 -14.79
CA VAL B 357 -44.69 36.56 -14.44
C VAL B 357 -45.59 35.39 -14.06
N THR B 358 -45.10 34.17 -14.23
CA THR B 358 -45.90 33.01 -13.88
C THR B 358 -45.64 32.52 -12.46
N LEU B 359 -46.59 31.89 -11.77
CA LEU B 359 -46.37 31.36 -10.39
C LEU B 359 -46.78 29.96 -10.49
N HIS B 360 -46.32 29.33 -11.44
CA HIS B 360 -46.97 28.08 -11.74
C HIS B 360 -47.99 27.27 -10.97
N ASN B 361 -48.51 27.27 -9.86
CA ASN B 361 -49.28 26.04 -9.75
C ASN B 361 -49.35 25.82 -8.34
N GLU B 362 -50.57 25.53 -8.06
CA GLU B 362 -50.99 25.34 -6.71
C GLU B 362 -49.80 25.33 -5.76
N SER B 363 -49.12 24.19 -5.74
CA SER B 363 -47.97 23.96 -4.87
C SER B 363 -46.97 25.10 -4.75
N TYR B 364 -46.54 25.62 -5.89
CA TYR B 364 -45.56 26.70 -5.88
C TYR B 364 -46.04 27.80 -4.95
N ILE B 365 -47.03 28.57 -5.40
CA ILE B 365 -47.58 29.66 -4.61
C ILE B 365 -47.67 29.30 -3.14
N GLU B 366 -47.98 28.02 -2.88
CA GLU B 366 -48.08 27.57 -1.51
C GLU B 366 -46.71 27.53 -0.83
N GLU B 367 -45.75 26.82 -1.42
CA GLU B 367 -44.42 26.71 -0.84
C GLU B 367 -43.65 28.01 -0.68
N LEU B 368 -43.79 28.92 -1.64
CA LEU B 368 -43.12 30.22 -1.58
C LEU B 368 -43.95 31.23 -0.79
N ASP B 369 -45.15 30.80 -0.39
CA ASP B 369 -46.10 31.62 0.39
C ASP B 369 -46.26 33.01 -0.24
N ILE B 370 -46.85 33.06 -1.43
CA ILE B 370 -47.05 34.33 -2.13
C ILE B 370 -48.39 35.00 -1.85
N ARG B 371 -48.34 36.22 -1.32
CA ARG B 371 -49.55 36.99 -1.08
C ARG B 371 -49.58 38.01 -2.20
N ILE B 372 -50.71 38.65 -2.45
CA ILE B 372 -50.76 39.63 -3.51
C ILE B 372 -50.10 40.92 -3.07
N GLY B 373 -50.17 41.23 -1.79
CA GLY B 373 -49.54 42.44 -1.31
C GLY B 373 -48.06 42.24 -1.02
N ASP B 374 -47.58 41.04 -1.29
CA ASP B 374 -46.19 40.68 -1.06
C ASP B 374 -45.19 41.34 -2.01
N TRP B 375 -44.00 41.62 -1.49
CA TRP B 375 -42.93 42.20 -2.29
C TRP B 375 -42.03 41.02 -2.62
N VAL B 376 -41.59 40.92 -3.87
CA VAL B 376 -40.75 39.79 -4.25
C VAL B 376 -39.56 40.11 -5.14
N LEU B 377 -38.75 39.09 -5.37
CA LEU B 377 -37.57 39.19 -6.20
C LEU B 377 -37.75 38.30 -7.42
N VAL B 378 -37.76 38.89 -8.61
CA VAL B 378 -37.92 38.11 -9.82
C VAL B 378 -36.63 38.04 -10.67
N HIS B 379 -36.47 36.95 -11.41
CA HIS B 379 -35.30 36.74 -12.25
C HIS B 379 -35.69 35.84 -13.42
N LYS B 380 -34.71 35.23 -14.07
CA LYS B 380 -34.98 34.34 -15.20
C LYS B 380 -34.31 32.99 -15.05
N ALA B 381 -35.12 31.93 -15.13
CA ALA B 381 -34.63 30.55 -15.01
C ALA B 381 -34.31 29.99 -16.39
N GLY B 382 -33.27 29.16 -16.46
CA GLY B 382 -32.88 28.61 -17.75
C GLY B 382 -32.33 29.75 -18.59
N GLY B 383 -32.21 30.91 -17.96
CA GLY B 383 -31.71 32.09 -18.64
C GLY B 383 -32.76 32.65 -19.58
N VAL B 384 -34.01 32.27 -19.36
CA VAL B 384 -35.11 32.73 -20.21
C VAL B 384 -36.34 33.20 -19.44
N ILE B 385 -37.29 32.29 -19.22
CA ILE B 385 -38.54 32.58 -18.51
C ILE B 385 -38.39 33.34 -17.18
N PRO B 386 -38.95 34.55 -17.08
CA PRO B 386 -38.84 35.30 -15.84
C PRO B 386 -39.82 34.75 -14.82
N GLU B 387 -39.44 34.78 -13.56
CA GLU B 387 -40.30 34.28 -12.50
C GLU B 387 -39.72 34.56 -11.12
N VAL B 388 -40.61 34.79 -10.16
CA VAL B 388 -40.23 35.07 -8.78
C VAL B 388 -39.30 34.00 -8.23
N LEU B 389 -38.42 34.41 -7.33
CA LEU B 389 -37.45 33.51 -6.71
C LEU B 389 -37.95 33.19 -5.32
N ARG B 390 -38.42 34.23 -4.62
CA ARG B 390 -38.96 34.09 -3.27
C ARG B 390 -39.60 35.41 -2.88
N VAL B 391 -40.29 35.44 -1.74
CA VAL B 391 -40.94 36.67 -1.33
C VAL B 391 -40.25 37.33 -0.13
N LEU B 392 -40.06 38.65 -0.24
CA LEU B 392 -39.44 39.40 0.83
C LEU B 392 -40.47 39.61 1.93
N LYS B 393 -40.77 38.51 2.62
CA LYS B 393 -41.74 38.51 3.72
C LYS B 393 -41.33 39.50 4.80
N GLU B 394 -40.16 40.11 4.57
CA GLU B 394 -39.57 41.09 5.48
C GLU B 394 -40.35 42.40 5.46
N ARG B 395 -40.99 42.69 4.33
CA ARG B 395 -41.73 43.94 4.18
C ARG B 395 -43.24 43.81 4.37
N ARG B 396 -43.71 42.61 4.69
CA ARG B 396 -45.13 42.40 4.88
C ARG B 396 -45.70 43.35 5.92
N THR B 397 -46.94 43.79 5.72
CA THR B 397 -47.60 44.70 6.64
C THR B 397 -48.91 44.09 7.14
N GLY B 398 -49.48 43.19 6.34
CA GLY B 398 -50.72 42.54 6.71
C GLY B 398 -51.77 42.73 5.63
N GLU B 399 -51.78 43.92 5.02
CA GLU B 399 -52.73 44.23 3.96
C GLU B 399 -52.44 43.41 2.72
N GLU B 400 -52.17 42.12 2.94
CA GLU B 400 -51.87 41.20 1.87
C GLU B 400 -52.81 40.01 1.91
N ARG B 401 -53.68 39.93 0.92
CA ARG B 401 -54.63 38.83 0.82
C ARG B 401 -53.90 37.68 0.12
N PRO B 402 -54.16 36.44 0.54
CA PRO B 402 -53.51 35.27 -0.06
C PRO B 402 -53.83 35.13 -1.56
N ILE B 403 -54.02 33.90 -2.03
CA ILE B 403 -54.34 33.68 -3.43
C ILE B 403 -55.24 32.49 -3.65
N ARG B 404 -56.46 32.78 -4.10
CA ARG B 404 -57.48 31.76 -4.37
C ARG B 404 -57.94 31.77 -5.82
N TRP B 405 -58.17 30.58 -6.37
CA TRP B 405 -58.65 30.43 -7.73
C TRP B 405 -60.11 30.88 -7.78
N PRO B 406 -60.58 31.32 -8.95
CA PRO B 406 -61.98 31.76 -9.00
C PRO B 406 -62.91 30.56 -8.90
N GLU B 407 -64.17 30.83 -8.58
CA GLU B 407 -65.15 29.75 -8.44
C GLU B 407 -65.38 29.12 -9.81
N THR B 408 -65.49 29.97 -10.81
CA THR B 408 -65.75 29.52 -12.17
C THR B 408 -64.62 29.86 -13.15
N CYS B 409 -64.48 29.03 -14.18
CA CYS B 409 -63.45 29.28 -15.17
C CYS B 409 -63.74 30.60 -15.86
N PRO B 410 -62.72 31.46 -15.99
CA PRO B 410 -62.83 32.77 -16.62
C PRO B 410 -62.87 32.67 -18.14
N GLU B 411 -62.83 31.44 -18.64
CA GLU B 411 -62.86 31.25 -20.08
C GLU B 411 -64.21 30.76 -20.58
N CYS B 412 -64.74 29.68 -19.97
CA CYS B 412 -66.04 29.16 -20.41
C CYS B 412 -67.22 29.35 -19.43
N GLY B 413 -66.96 29.96 -18.27
CA GLY B 413 -68.03 30.20 -17.30
C GLY B 413 -68.41 29.02 -16.43
N HIS B 414 -68.10 27.82 -16.90
CA HIS B 414 -68.41 26.61 -16.16
C HIS B 414 -67.83 26.67 -14.74
N ARG B 415 -68.25 25.75 -13.88
CA ARG B 415 -67.75 25.71 -12.51
C ARG B 415 -66.44 24.97 -12.51
N LEU B 416 -65.47 25.44 -11.74
CA LEU B 416 -64.18 24.77 -11.68
C LEU B 416 -64.21 23.63 -10.69
N VAL B 417 -63.48 22.57 -11.00
CA VAL B 417 -63.38 21.42 -10.12
C VAL B 417 -61.92 21.37 -9.71
N LYS B 418 -61.54 20.36 -8.93
CA LYS B 418 -60.16 20.22 -8.52
C LYS B 418 -59.73 18.77 -8.48
N GLU B 419 -59.36 18.25 -9.64
CA GLU B 419 -58.89 16.88 -9.80
C GLU B 419 -57.37 16.88 -9.58
N GLY B 420 -56.87 15.88 -8.86
CA GLY B 420 -55.44 15.82 -8.60
C GLY B 420 -55.02 16.94 -7.65
N LYS B 421 -54.02 17.72 -8.04
CA LYS B 421 -53.58 18.80 -7.18
C LYS B 421 -53.77 20.16 -7.82
N VAL B 422 -54.40 20.19 -8.98
CA VAL B 422 -54.64 21.44 -9.69
C VAL B 422 -56.11 21.70 -9.98
N HIS B 423 -56.43 22.95 -10.33
CA HIS B 423 -57.80 23.36 -10.64
C HIS B 423 -58.04 23.35 -12.14
N ARG B 424 -58.93 22.50 -12.62
CA ARG B 424 -59.16 22.48 -14.07
C ARG B 424 -60.61 22.56 -14.55
N CYS B 425 -60.90 23.45 -15.50
CA CYS B 425 -62.25 23.57 -16.09
C CYS B 425 -62.51 22.19 -16.65
N PRO B 426 -63.58 21.50 -16.19
CA PRO B 426 -63.80 20.17 -16.75
C PRO B 426 -64.82 20.22 -17.86
N ASN B 427 -65.09 21.43 -18.33
CA ASN B 427 -66.07 21.62 -19.38
C ASN B 427 -65.49 21.08 -20.68
N PRO B 428 -66.05 19.96 -21.18
CA PRO B 428 -65.63 19.30 -22.43
C PRO B 428 -65.65 20.24 -23.62
N LEU B 429 -66.41 21.32 -23.51
CA LEU B 429 -66.51 22.27 -24.60
C LEU B 429 -65.90 23.61 -24.32
N CYS B 430 -65.06 23.66 -23.30
CA CYS B 430 -64.42 24.93 -22.97
C CYS B 430 -63.57 25.37 -24.18
N PRO B 431 -63.72 26.64 -24.59
CA PRO B 431 -62.97 27.14 -25.74
C PRO B 431 -61.48 26.83 -25.63
N ALA B 432 -60.90 27.21 -24.50
CA ALA B 432 -59.48 27.03 -24.23
C ALA B 432 -58.87 25.65 -24.42
N LYS B 433 -59.69 24.64 -24.68
CA LYS B 433 -59.09 23.33 -24.87
C LYS B 433 -59.50 22.71 -26.21
N ARG B 434 -60.05 23.54 -27.09
CA ARG B 434 -60.51 23.08 -28.40
C ARG B 434 -59.41 22.38 -29.20
N PHE B 435 -58.23 23.01 -29.28
CA PHE B 435 -57.10 22.46 -30.00
C PHE B 435 -56.71 21.11 -29.44
N GLU B 436 -56.42 21.09 -28.14
CA GLU B 436 -56.03 19.84 -27.52
C GLU B 436 -57.11 18.79 -27.70
N ALA B 437 -58.35 19.27 -27.82
CA ALA B 437 -59.51 18.40 -27.99
C ALA B 437 -59.53 17.67 -29.33
N ILE B 438 -59.50 18.45 -30.41
CA ILE B 438 -59.53 17.89 -31.76
C ILE B 438 -58.35 16.96 -31.97
N ARG B 439 -57.15 17.52 -31.86
CA ARG B 439 -55.93 16.74 -32.05
C ARG B 439 -55.99 15.39 -31.38
N HIS B 440 -56.36 15.37 -30.11
CA HIS B 440 -56.43 14.11 -29.39
C HIS B 440 -57.51 13.22 -30.00
N TYR B 441 -58.52 13.84 -30.59
CA TYR B 441 -59.58 13.05 -31.21
C TYR B 441 -59.05 12.35 -32.46
N ALA B 442 -58.30 13.10 -33.26
CA ALA B 442 -57.71 12.61 -34.49
C ALA B 442 -56.48 11.73 -34.27
N SER B 443 -55.81 11.90 -33.12
CA SER B 443 -54.62 11.14 -32.79
C SER B 443 -54.74 9.69 -33.28
N ARG B 444 -53.60 9.00 -33.39
CA ARG B 444 -53.60 7.62 -33.86
C ARG B 444 -54.47 6.69 -33.03
N LYS B 445 -54.11 6.51 -31.75
CA LYS B 445 -54.84 5.64 -30.83
C LYS B 445 -56.30 6.05 -30.58
N ALA B 446 -56.58 7.34 -30.75
CA ALA B 446 -57.92 7.85 -30.55
C ALA B 446 -58.79 7.37 -31.69
N MET B 447 -59.46 8.31 -32.36
CA MET B 447 -60.33 7.97 -33.48
C MET B 447 -59.55 7.83 -34.78
N ASP B 448 -58.26 8.15 -34.72
CA ASP B 448 -57.34 8.02 -35.83
C ASP B 448 -57.74 8.67 -37.16
N ILE B 449 -57.53 9.97 -37.25
CA ILE B 449 -57.82 10.75 -38.45
C ILE B 449 -56.49 11.39 -38.84
N GLU B 450 -55.62 10.55 -39.37
CA GLU B 450 -54.26 10.88 -39.78
C GLU B 450 -54.03 12.16 -40.59
N GLY B 451 -55.01 12.55 -41.42
CA GLY B 451 -54.84 13.74 -42.24
C GLY B 451 -55.13 15.08 -41.60
N LEU B 452 -55.46 15.10 -40.32
CA LEU B 452 -55.77 16.36 -39.64
C LEU B 452 -54.58 16.81 -38.78
N GLY B 453 -53.64 17.52 -39.39
CA GLY B 453 -52.48 17.97 -38.65
C GLY B 453 -52.69 19.23 -37.83
N GLU B 454 -51.82 19.43 -36.84
CA GLU B 454 -51.90 20.59 -35.95
C GLU B 454 -52.08 21.89 -36.71
N LYS B 455 -51.38 21.99 -37.84
CA LYS B 455 -51.42 23.19 -38.67
C LYS B 455 -52.82 23.41 -39.24
N LEU B 456 -53.47 22.33 -39.64
CA LEU B 456 -54.81 22.39 -40.22
C LEU B 456 -55.82 22.71 -39.12
N ILE B 457 -55.87 21.85 -38.09
CA ILE B 457 -56.76 22.03 -36.96
C ILE B 457 -56.70 23.49 -36.51
N GLU B 458 -55.54 23.88 -35.99
CA GLU B 458 -55.33 25.23 -35.51
C GLU B 458 -55.86 26.27 -36.49
N ARG B 459 -55.86 25.94 -37.78
CA ARG B 459 -56.35 26.86 -38.81
C ARG B 459 -57.86 26.75 -38.95
N LEU B 460 -58.38 25.53 -38.83
CA LEU B 460 -59.80 25.28 -38.91
C LEU B 460 -60.52 26.05 -37.82
N LEU B 461 -59.92 26.13 -36.64
CA LEU B 461 -60.52 26.85 -35.52
C LEU B 461 -60.72 28.35 -35.80
N GLU B 462 -59.70 29.01 -36.34
CA GLU B 462 -59.78 30.44 -36.61
C GLU B 462 -60.69 30.84 -37.77
N LYS B 463 -60.70 30.04 -38.84
CA LYS B 463 -61.57 30.34 -39.97
C LYS B 463 -62.99 30.18 -39.48
N GLY B 464 -63.15 29.42 -38.40
CA GLY B 464 -64.46 29.19 -37.83
C GLY B 464 -65.17 28.03 -38.47
N LEU B 465 -64.42 26.96 -38.74
CA LEU B 465 -65.01 25.78 -39.38
C LEU B 465 -65.22 24.69 -38.35
N VAL B 466 -64.58 24.86 -37.19
CA VAL B 466 -64.68 23.88 -36.12
C VAL B 466 -64.68 24.52 -34.74
N ARG B 467 -65.29 23.83 -33.78
CA ARG B 467 -65.35 24.25 -32.37
C ARG B 467 -65.13 22.99 -31.53
N ASP B 468 -65.65 21.86 -32.00
CA ASP B 468 -65.51 20.61 -31.27
C ASP B 468 -65.41 19.42 -32.22
N VAL B 469 -65.21 18.23 -31.67
CA VAL B 469 -65.05 17.05 -32.50
C VAL B 469 -66.21 16.79 -33.47
N ALA B 470 -67.45 16.89 -33.00
CA ALA B 470 -68.59 16.62 -33.89
C ALA B 470 -68.60 17.55 -35.10
N ASP B 471 -67.99 18.72 -34.95
CA ASP B 471 -67.94 19.70 -36.03
C ASP B 471 -67.08 19.20 -37.20
N LEU B 472 -66.30 18.16 -36.97
CA LEU B 472 -65.44 17.61 -38.00
C LEU B 472 -66.23 16.82 -39.02
N TYR B 473 -67.39 16.30 -38.62
CA TYR B 473 -68.18 15.51 -39.53
C TYR B 473 -69.19 16.32 -40.34
N HIS B 474 -69.39 17.58 -39.94
CA HIS B 474 -70.31 18.45 -40.66
C HIS B 474 -69.47 19.22 -41.65
N LEU B 475 -68.19 18.86 -41.66
CA LEU B 475 -67.21 19.46 -42.54
C LEU B 475 -67.53 18.93 -43.94
N ARG B 476 -68.59 18.11 -44.02
CA ARG B 476 -69.07 17.48 -45.25
C ARG B 476 -68.57 18.20 -46.50
N LYS B 477 -68.84 19.50 -46.54
CA LYS B 477 -68.44 20.33 -47.67
C LYS B 477 -66.92 20.42 -47.83
N GLU B 478 -66.44 19.88 -48.95
CA GLU B 478 -65.02 19.90 -49.26
C GLU B 478 -64.67 21.37 -49.47
N ASP B 479 -65.67 22.11 -49.93
CA ASP B 479 -65.56 23.53 -50.20
C ASP B 479 -64.68 24.25 -49.19
N LEU B 480 -64.98 24.04 -47.92
CA LEU B 480 -64.25 24.66 -46.83
C LEU B 480 -62.81 24.14 -46.78
N LEU B 481 -62.66 22.82 -46.86
CA LEU B 481 -61.34 22.19 -46.82
C LEU B 481 -60.48 22.52 -48.03
N GLY B 482 -61.10 22.55 -49.21
CA GLY B 482 -60.36 22.86 -50.43
C GLY B 482 -60.02 24.34 -50.50
N LEU B 483 -59.30 24.83 -49.49
CA LEU B 483 -58.90 26.23 -49.43
C LEU B 483 -57.76 26.45 -48.44
N GLU B 484 -57.07 25.38 -48.06
CA GLU B 484 -55.98 25.49 -47.10
C GLU B 484 -54.84 24.52 -47.33
N ARG B 485 -54.02 24.79 -48.35
CA ARG B 485 -52.87 23.97 -48.70
C ARG B 485 -53.27 22.62 -49.32
N MET B 486 -54.55 22.27 -49.19
CA MET B 486 -55.05 21.02 -49.73
C MET B 486 -55.38 21.18 -51.20
N GLY B 487 -55.16 20.12 -51.98
CA GLY B 487 -55.41 20.19 -53.40
C GLY B 487 -56.54 19.34 -53.94
N GLU B 488 -57.76 19.62 -53.50
CA GLU B 488 -58.93 18.89 -53.95
C GLU B 488 -58.67 17.40 -54.13
N LYS B 489 -57.65 16.91 -53.43
CA LYS B 489 -57.29 15.50 -53.50
C LYS B 489 -56.92 15.07 -52.09
N SER B 490 -56.25 15.97 -51.37
CA SER B 490 -55.86 15.73 -49.99
C SER B 490 -57.10 15.99 -49.16
N ALA B 491 -57.92 16.92 -49.66
CA ALA B 491 -59.18 17.26 -49.01
C ALA B 491 -60.06 16.03 -49.12
N GLN B 492 -60.39 15.67 -50.36
CA GLN B 492 -61.22 14.50 -50.64
C GLN B 492 -60.70 13.29 -49.88
N ASN B 493 -59.42 13.33 -49.50
CA ASN B 493 -58.80 12.22 -48.78
C ASN B 493 -59.06 12.27 -47.28
N LEU B 494 -58.75 13.41 -46.64
CA LEU B 494 -58.97 13.59 -45.21
C LEU B 494 -60.46 13.39 -44.95
N LEU B 495 -61.25 14.23 -45.63
CA LEU B 495 -62.69 14.19 -45.52
C LEU B 495 -63.19 12.76 -45.63
N ARG B 496 -62.45 11.93 -46.36
CA ARG B 496 -62.83 10.53 -46.55
C ARG B 496 -62.38 9.64 -45.40
N GLN B 497 -61.32 10.05 -44.69
CA GLN B 497 -60.86 9.26 -43.55
C GLN B 497 -61.60 9.80 -42.32
N ILE B 498 -62.10 11.04 -42.44
CA ILE B 498 -62.86 11.68 -41.37
C ILE B 498 -64.14 10.87 -41.22
N GLU B 499 -64.52 10.19 -42.30
CA GLU B 499 -65.71 9.36 -42.36
C GLU B 499 -65.46 7.92 -41.94
N GLU B 500 -64.19 7.51 -42.01
CA GLU B 500 -63.81 6.16 -41.63
C GLU B 500 -63.89 5.99 -40.12
N SER B 501 -63.46 7.04 -39.41
CA SER B 501 -63.44 7.06 -37.96
C SER B 501 -64.77 6.67 -37.34
N LYS B 502 -65.87 7.11 -37.97
CA LYS B 502 -67.20 6.82 -37.48
C LYS B 502 -67.34 5.40 -36.94
N HIS B 503 -66.45 4.50 -37.38
CA HIS B 503 -66.55 3.11 -36.98
C HIS B 503 -65.49 2.56 -36.01
N ARG B 504 -64.61 3.41 -35.51
CA ARG B 504 -63.58 2.94 -34.59
C ARG B 504 -64.11 2.09 -33.44
N GLY B 505 -65.21 2.52 -32.84
CA GLY B 505 -65.77 1.76 -31.73
C GLY B 505 -65.81 2.53 -30.43
N LEU B 506 -66.51 1.99 -29.44
CA LEU B 506 -66.63 2.63 -28.14
C LEU B 506 -65.28 2.85 -27.44
N GLU B 507 -64.58 1.74 -27.20
CA GLU B 507 -63.27 1.78 -26.55
C GLU B 507 -62.48 2.99 -27.01
N ARG B 508 -62.20 3.02 -28.30
CA ARG B 508 -61.44 4.12 -28.89
C ARG B 508 -62.14 5.46 -28.76
N LEU B 509 -63.46 5.45 -28.73
CA LEU B 509 -64.21 6.69 -28.59
C LEU B 509 -64.06 7.24 -27.17
N LEU B 510 -64.25 6.36 -26.18
CA LEU B 510 -64.11 6.77 -24.81
C LEU B 510 -62.75 7.42 -24.63
N TYR B 511 -61.71 6.84 -25.22
CA TYR B 511 -60.38 7.40 -25.11
C TYR B 511 -60.25 8.70 -25.92
N ALA B 512 -60.84 8.72 -27.11
CA ALA B 512 -60.78 9.88 -27.97
C ALA B 512 -61.40 11.14 -27.36
N LEU B 513 -62.37 10.96 -26.47
CA LEU B 513 -63.03 12.09 -25.83
C LEU B 513 -62.21 12.75 -24.73
N GLY B 514 -61.41 11.95 -24.01
CA GLY B 514 -60.58 12.50 -22.95
C GLY B 514 -61.30 12.75 -21.64
N LEU B 515 -61.83 11.70 -21.04
CA LEU B 515 -62.52 11.84 -19.78
C LEU B 515 -61.49 11.78 -18.67
N PRO B 516 -61.71 12.54 -17.58
CA PRO B 516 -60.79 12.56 -16.43
C PRO B 516 -60.27 11.18 -16.02
N GLY B 517 -58.97 10.97 -16.14
CA GLY B 517 -58.36 9.71 -15.75
C GLY B 517 -58.60 8.52 -16.67
N VAL B 518 -59.14 8.77 -17.87
CA VAL B 518 -59.40 7.66 -18.77
C VAL B 518 -58.44 7.59 -19.95
N GLY B 519 -57.58 6.59 -19.91
CA GLY B 519 -56.61 6.38 -20.97
C GLY B 519 -56.93 5.10 -21.71
N GLU B 520 -55.96 4.59 -22.46
CA GLU B 520 -56.16 3.38 -23.24
C GLU B 520 -56.63 2.19 -22.42
N VAL B 521 -55.97 1.93 -21.30
CA VAL B 521 -56.37 0.80 -20.47
C VAL B 521 -57.77 1.00 -19.87
N LEU B 522 -57.98 2.16 -19.25
CA LEU B 522 -59.26 2.48 -18.65
C LEU B 522 -60.36 2.36 -19.71
N ALA B 523 -60.23 3.14 -20.78
CA ALA B 523 -61.20 3.13 -21.87
C ALA B 523 -61.72 1.74 -22.14
N ARG B 524 -60.81 0.88 -22.57
CA ARG B 524 -61.10 -0.51 -22.87
C ARG B 524 -62.03 -1.13 -21.83
N ASN B 525 -61.63 -1.08 -20.56
CA ASN B 525 -62.44 -1.64 -19.47
C ASN B 525 -63.84 -1.04 -19.39
N LEU B 526 -63.92 0.28 -19.55
CA LEU B 526 -65.19 0.99 -19.50
C LEU B 526 -66.16 0.45 -20.54
N ALA B 527 -65.91 0.80 -21.81
CA ALA B 527 -66.76 0.37 -22.91
C ALA B 527 -67.00 -1.13 -22.93
N ARG B 528 -66.04 -1.90 -22.42
CA ARG B 528 -66.18 -3.34 -22.40
C ARG B 528 -67.18 -3.75 -21.34
N ARG B 529 -67.37 -2.87 -20.35
CA ARG B 529 -68.28 -3.13 -19.24
C ARG B 529 -69.69 -2.55 -19.44
N PHE B 530 -69.80 -1.49 -20.22
CA PHE B 530 -71.10 -0.88 -20.44
C PHE B 530 -71.62 -0.99 -21.87
N GLY B 531 -70.83 -1.64 -22.72
CA GLY B 531 -71.21 -1.83 -24.11
C GLY B 531 -71.72 -0.67 -24.93
N THR B 532 -72.42 0.28 -24.33
CA THR B 532 -72.95 1.41 -25.09
C THR B 532 -72.66 2.72 -24.40
N MET B 533 -72.62 3.79 -25.17
CA MET B 533 -72.39 5.09 -24.57
C MET B 533 -73.60 5.32 -23.66
N ASP B 534 -74.79 5.23 -24.26
CA ASP B 534 -76.05 5.40 -23.55
C ASP B 534 -76.05 4.62 -22.24
N ARG B 535 -75.46 3.43 -22.26
CA ARG B 535 -75.42 2.62 -21.06
C ARG B 535 -74.47 3.21 -20.01
N LEU B 536 -73.39 3.84 -20.47
CA LEU B 536 -72.44 4.43 -19.54
C LEU B 536 -73.08 5.67 -18.93
N LEU B 537 -73.75 6.45 -19.77
CA LEU B 537 -74.40 7.66 -19.32
C LEU B 537 -75.36 7.36 -18.17
N GLU B 538 -75.74 6.10 -18.02
CA GLU B 538 -76.64 5.71 -16.93
C GLU B 538 -75.84 4.98 -15.85
N ALA B 539 -74.53 5.18 -15.87
CA ALA B 539 -73.66 4.54 -14.92
C ALA B 539 -73.84 5.12 -13.53
N SER B 540 -73.75 4.24 -12.54
CA SER B 540 -73.86 4.62 -11.14
C SER B 540 -72.46 4.59 -10.53
N LEU B 541 -72.13 5.59 -9.71
CA LEU B 541 -70.82 5.65 -9.09
C LEU B 541 -70.30 4.27 -8.74
N GLU B 542 -71.15 3.46 -8.13
CA GLU B 542 -70.73 2.12 -7.76
C GLU B 542 -70.28 1.36 -9.00
N GLU B 543 -71.18 1.28 -9.98
CA GLU B 543 -70.91 0.59 -11.24
C GLU B 543 -69.52 0.88 -11.80
N LEU B 544 -69.09 2.13 -11.71
CA LEU B 544 -67.78 2.50 -12.21
C LEU B 544 -66.64 1.83 -11.41
N LEU B 545 -66.75 1.85 -10.09
CA LEU B 545 -65.73 1.24 -9.24
C LEU B 545 -65.57 -0.24 -9.51
N GLU B 546 -66.61 -0.88 -10.00
CA GLU B 546 -66.54 -2.31 -10.29
C GLU B 546 -65.52 -2.53 -11.40
N VAL B 547 -65.26 -1.46 -12.15
CA VAL B 547 -64.32 -1.52 -13.25
C VAL B 547 -62.88 -1.61 -12.76
N GLU B 548 -62.13 -2.52 -13.35
CA GLU B 548 -60.73 -2.75 -12.99
C GLU B 548 -59.91 -1.48 -13.14
N GLU B 549 -59.26 -1.08 -12.06
CA GLU B 549 -58.42 0.11 -12.05
C GLU B 549 -59.13 1.46 -12.08
N VAL B 550 -60.34 1.50 -11.53
CA VAL B 550 -61.09 2.74 -11.45
C VAL B 550 -61.26 3.04 -9.97
N GLY B 551 -60.67 4.14 -9.52
CA GLY B 551 -60.78 4.49 -8.12
C GLY B 551 -61.76 5.61 -7.82
N GLU B 552 -62.35 5.54 -6.63
CA GLU B 552 -63.32 6.51 -6.13
C GLU B 552 -63.27 7.87 -6.79
N LEU B 553 -62.11 8.52 -6.71
CA LEU B 553 -61.95 9.85 -7.26
C LEU B 553 -62.12 9.95 -8.77
N THR B 554 -61.39 9.15 -9.52
CA THR B 554 -61.52 9.24 -10.97
C THR B 554 -62.92 8.78 -11.31
N ALA B 555 -63.49 7.93 -10.46
CA ALA B 555 -64.87 7.44 -10.62
C ALA B 555 -65.85 8.60 -10.56
N ARG B 556 -65.95 9.21 -9.38
CA ARG B 556 -66.88 10.32 -9.22
C ARG B 556 -66.56 11.39 -10.24
N ALA B 557 -65.30 11.44 -10.68
CA ALA B 557 -64.89 12.42 -11.67
C ALA B 557 -65.58 12.09 -12.99
N ILE B 558 -65.57 10.81 -13.33
CA ILE B 558 -66.20 10.35 -14.57
C ILE B 558 -67.69 10.61 -14.51
N LEU B 559 -68.31 10.18 -13.42
CA LEU B 559 -69.74 10.35 -13.22
C LEU B 559 -70.13 11.79 -13.47
N GLU B 560 -69.39 12.70 -12.86
CA GLU B 560 -69.65 14.12 -13.01
C GLU B 560 -69.57 14.60 -14.45
N THR B 561 -68.64 14.06 -15.24
CA THR B 561 -68.49 14.49 -16.63
C THR B 561 -69.58 13.87 -17.48
N LEU B 562 -69.88 12.62 -17.21
CA LEU B 562 -70.91 11.91 -17.93
C LEU B 562 -72.26 12.61 -17.78
N LYS B 563 -72.44 13.36 -16.70
CA LYS B 563 -73.72 14.04 -16.46
C LYS B 563 -73.76 15.49 -16.88
N ASP B 564 -72.67 16.00 -17.44
CA ASP B 564 -72.61 17.42 -17.85
C ASP B 564 -73.36 17.77 -19.14
N PRO B 565 -74.28 18.75 -19.08
CA PRO B 565 -75.00 19.11 -20.31
C PRO B 565 -74.06 19.25 -21.49
N ALA B 566 -72.96 20.00 -21.32
CA ALA B 566 -71.97 20.19 -22.38
C ALA B 566 -71.54 18.88 -23.06
N PHE B 567 -71.21 17.86 -22.27
CA PHE B 567 -70.80 16.56 -22.83
C PHE B 567 -71.97 15.95 -23.59
N ARG B 568 -73.08 15.75 -22.87
CA ARG B 568 -74.33 15.20 -23.41
C ARG B 568 -74.57 15.75 -24.82
N ASP B 569 -74.36 17.06 -24.95
CA ASP B 569 -74.54 17.75 -26.21
C ASP B 569 -73.58 17.19 -27.25
N LEU B 570 -72.31 17.10 -26.90
CA LEU B 570 -71.27 16.60 -27.81
C LEU B 570 -71.54 15.16 -28.22
N VAL B 571 -71.69 14.32 -27.22
CA VAL B 571 -71.92 12.90 -27.48
C VAL B 571 -73.25 12.68 -28.19
N ARG B 572 -74.10 13.72 -28.25
CA ARG B 572 -75.37 13.60 -28.96
C ARG B 572 -75.02 13.75 -30.42
N ARG B 573 -74.54 14.94 -30.75
CA ARG B 573 -74.14 15.27 -32.12
C ARG B 573 -73.25 14.20 -32.77
N LEU B 574 -72.28 13.66 -32.02
CA LEU B 574 -71.42 12.61 -32.57
C LEU B 574 -72.31 11.42 -32.99
N LYS B 575 -73.42 11.24 -32.27
CA LYS B 575 -74.37 10.15 -32.54
C LYS B 575 -75.23 10.57 -33.74
N GLU B 576 -75.53 11.86 -33.85
CA GLU B 576 -76.32 12.34 -34.97
C GLU B 576 -75.45 12.22 -36.22
N ALA B 577 -74.17 12.57 -36.05
CA ALA B 577 -73.20 12.56 -37.13
C ALA B 577 -72.82 11.17 -37.59
N GLY B 578 -73.29 10.14 -36.88
CA GLY B 578 -72.99 8.79 -37.29
C GLY B 578 -72.00 7.98 -36.49
N VAL B 579 -71.07 8.65 -35.79
CA VAL B 579 -70.06 7.95 -34.99
C VAL B 579 -70.69 6.91 -34.07
N SER B 580 -70.32 5.65 -34.25
CA SER B 580 -70.85 4.55 -33.43
C SER B 580 -70.63 4.77 -31.93
N MET B 581 -71.42 4.09 -31.10
CA MET B 581 -71.30 4.21 -29.65
C MET B 581 -71.31 2.83 -28.98
N GLU B 582 -71.07 1.77 -29.75
CA GLU B 582 -71.03 0.42 -29.19
C GLU B 582 -69.62 -0.12 -29.23
N SER B 583 -69.26 -0.92 -28.22
CA SER B 583 -67.94 -1.49 -28.17
C SER B 583 -67.76 -2.41 -29.38
N LYS B 584 -66.59 -2.34 -30.02
CA LYS B 584 -66.33 -3.17 -31.19
C LYS B 584 -65.64 -4.46 -30.78
ZN ZN C . 52.22 -34.70 34.10
P AMP D . 31.48 -20.74 -1.38
O1P AMP D . 31.83 -21.04 0.01
O2P AMP D . 31.52 -21.94 -2.24
O5' AMP D . 30.05 -20.04 -1.50
C5' AMP D . 29.81 -18.85 -0.73
C4' AMP D . 28.39 -18.34 -0.97
O4' AMP D . 28.40 -17.00 -0.47
C3' AMP D . 28.02 -18.25 -2.44
O3' AMP D . 26.88 -19.06 -2.74
C2' AMP D . 27.78 -16.77 -2.76
O2' AMP D . 26.46 -16.47 -3.25
C1' AMP D . 28.06 -16.04 -1.48
N9 AMP D . 29.23 -15.06 -1.63
C8 AMP D . 30.39 -15.10 -0.94
N7 AMP D . 31.19 -14.12 -1.32
C5 AMP D . 30.59 -13.42 -2.25
C6 AMP D . 30.90 -12.29 -3.02
N6 AMP D . 32.08 -11.68 -2.86
N1 AMP D . 30.00 -11.81 -3.94
C2 AMP D . 28.80 -12.40 -4.13
N3 AMP D . 28.48 -13.50 -3.39
C4 AMP D . 29.31 -14.02 -2.46
ZN ZN E . -63.28 26.75 -18.87
P AMP F . -21.01 28.36 -10.33
O1P AMP F . -22.42 28.05 -10.60
O2P AMP F . -20.88 29.36 -9.25
O5' AMP F . -20.18 27.05 -9.98
C5' AMP F . -20.20 25.97 -10.90
C4' AMP F . -19.52 24.76 -10.26
O4' AMP F . -19.54 23.75 -11.28
C3' AMP F . -18.06 25.02 -9.92
O3' AMP F . -17.80 24.81 -8.52
C2' AMP F . -17.22 24.09 -10.78
O2' AMP F . -16.35 23.22 -10.02
C1' AMP F . -18.20 23.33 -11.64
N9 AMP F . -18.00 23.57 -13.14
C8 AMP F . -18.92 24.07 -13.98
N7 AMP F . -18.44 24.15 -15.22
C5 AMP F . -17.21 23.72 -15.20
C6 AMP F . -16.19 23.57 -16.16
N6 AMP F . -16.42 23.91 -17.43
N1 AMP F . -14.96 23.06 -15.79
C2 AMP F . -14.69 22.69 -14.51
N3 AMP F . -15.66 22.83 -13.57
C4 AMP F . -16.91 23.33 -13.87
#